data_6JPK
#
_entry.id   6JPK
#
_cell.length_a   62.133
_cell.length_b   53.111
_cell.length_c   130.263
_cell.angle_alpha   90.00
_cell.angle_beta   96.70
_cell.angle_gamma   90.00
#
_symmetry.space_group_name_H-M   'P 1 21 1'
#
loop_
_entity.id
_entity.type
_entity.pdbx_description
1 polymer 'Aspartate aminotransferase, cytoplasmic'
2 non-polymer 'PHOSPHATE ION'
3 non-polymer GLYCEROL
4 water water
#
_entity_poly.entity_id   1
_entity_poly.type   'polypeptide(L)'
_entity_poly.pdbx_seq_one_letter_code
;MSDYGFANIEEAKADAIFKLNAQYHQDEDPKKVNMSVGAYRDDTGKPWILPAVKKASKIVEEQASFNHEYLPIAGLPRFT
KAAAEVLFRPNPHLLSEDRVASMQSVSGTGANFLAASFIETFYVKHTGAHVYISNPTWPVHRTLWEKLGVTVETYPYWDA
KNRSFDYEGMLSTIKSAPEGSIFLLHACAHNPTGIDPTREQWLSIFESLLSRKHLVVFDIAYQGFASGDLNRDSWALNEF
VKYNKDFFVCQSFAKNMGLYGERTGCMHYVAKDASTKNKVLSQLCIVQRNTISNPPAYGARIAAEILNSPQLFAEWEQDL
KTMSSRIIEMRKRLRDSLVALKTPGSWDHITQQIGMFSFTGLTPAQVQFCQERYHLYFSANGRISMAGLNNSNVEHVAQA
FNHAVRELPLEHHHHHH
;
_entity_poly.pdbx_strand_id   A,B
#
# COMPACT_ATOMS: atom_id res chain seq x y z
N SER A 2 -2.08 25.07 10.58
CA SER A 2 -2.89 26.25 10.92
C SER A 2 -2.23 27.20 11.92
N ASP A 3 -1.59 26.64 12.96
CA ASP A 3 -0.44 27.34 13.51
C ASP A 3 0.79 27.16 12.63
N TYR A 4 0.63 26.46 11.50
CA TYR A 4 1.74 26.03 10.66
C TYR A 4 1.45 26.34 9.18
N GLY A 5 0.50 27.23 8.92
CA GLY A 5 0.24 27.70 7.57
C GLY A 5 -0.70 26.86 6.74
N PHE A 6 -1.31 25.81 7.32
CA PHE A 6 -2.07 24.86 6.49
C PHE A 6 -3.41 25.42 6.05
N ALA A 7 -3.91 26.47 6.70
CA ALA A 7 -5.13 27.13 6.22
C ALA A 7 -4.92 27.89 4.92
N ASN A 8 -3.67 28.14 4.52
CA ASN A 8 -3.37 28.78 3.24
C ASN A 8 -3.46 27.82 2.06
N ILE A 9 -3.51 26.51 2.32
CA ILE A 9 -3.65 25.54 1.23
C ILE A 9 -4.95 25.79 0.47
N GLU A 10 -4.89 25.60 -0.85
CA GLU A 10 -6.08 25.58 -1.68
C GLU A 10 -6.68 24.17 -1.69
N GLU A 11 -7.98 24.08 -1.40
CA GLU A 11 -8.64 22.78 -1.42
C GLU A 11 -8.71 22.25 -2.84
N ALA A 12 -8.38 20.97 -3.03
CA ALA A 12 -8.24 20.40 -4.36
C ALA A 12 -9.59 20.28 -5.06
N LYS A 13 -9.56 20.31 -6.39
CA LYS A 13 -10.76 20.20 -7.20
C LYS A 13 -11.38 18.81 -7.07
N ALA A 14 -12.68 18.74 -7.31
CA ALA A 14 -13.41 17.48 -7.14
C ALA A 14 -12.94 16.43 -8.13
N ASP A 15 -12.65 15.23 -7.61
CA ASP A 15 -12.32 14.09 -8.46
C ASP A 15 -13.37 13.90 -9.54
N ALA A 16 -12.92 13.53 -10.74
CA ALA A 16 -13.84 13.37 -11.86
C ALA A 16 -14.89 12.31 -11.58
N ILE A 17 -14.46 11.08 -11.28
CA ILE A 17 -15.41 10.01 -11.02
C ILE A 17 -16.29 10.32 -9.80
N PHE A 18 -15.70 10.96 -8.78
CA PHE A 18 -16.44 11.22 -7.54
C PHE A 18 -17.60 12.18 -7.76
N LYS A 19 -17.42 13.21 -8.59
CA LYS A 19 -18.49 14.18 -8.79
C LYS A 19 -19.62 13.64 -9.67
N LEU A 20 -19.28 12.79 -10.65
CA LEU A 20 -20.32 12.09 -11.40
C LEU A 20 -21.15 11.21 -10.49
N ASN A 21 -20.48 10.46 -9.60
CA ASN A 21 -21.19 9.58 -8.68
C ASN A 21 -22.14 10.36 -7.78
N ALA A 22 -21.71 11.52 -7.29
CA ALA A 22 -22.61 12.37 -6.53
C ALA A 22 -23.88 12.69 -7.31
N GLN A 23 -23.73 12.99 -8.59
CA GLN A 23 -24.90 13.36 -9.39
C GLN A 23 -25.79 12.15 -9.65
N TYR A 24 -25.19 10.99 -9.94
CA TYR A 24 -25.97 9.76 -10.06
C TYR A 24 -26.81 9.55 -8.80
N HIS A 25 -26.19 9.71 -7.62
CA HIS A 25 -26.88 9.33 -6.39
C HIS A 25 -28.01 10.29 -6.06
N GLN A 26 -27.91 11.55 -6.48
CA GLN A 26 -28.98 12.53 -6.23
C GLN A 26 -30.16 12.40 -7.20
N ASP A 27 -29.97 11.74 -8.34
CA ASP A 27 -31.03 11.59 -9.32
C ASP A 27 -32.15 10.69 -8.76
N GLU A 28 -33.39 11.17 -8.84
CA GLU A 28 -34.53 10.48 -8.26
C GLU A 28 -35.28 9.60 -9.26
N ASP A 29 -34.82 9.53 -10.51
CA ASP A 29 -35.56 8.77 -11.51
C ASP A 29 -35.25 7.28 -11.36
N PRO A 30 -36.28 6.42 -11.32
CA PRO A 30 -36.02 4.97 -11.16
C PRO A 30 -35.24 4.33 -12.31
N LYS A 31 -35.21 4.94 -13.49
CA LYS A 31 -34.53 4.37 -14.65
C LYS A 31 -33.06 4.77 -14.74
N LYS A 32 -32.51 5.42 -13.72
CA LYS A 32 -31.13 5.89 -13.83
C LYS A 32 -30.16 4.73 -13.90
N VAL A 33 -29.03 4.96 -14.59
CA VAL A 33 -27.99 3.96 -14.77
C VAL A 33 -26.64 4.62 -14.53
N ASN A 34 -25.79 3.99 -13.72
CA ASN A 34 -24.42 4.47 -13.52
C ASN A 34 -23.53 3.72 -14.50
N MET A 35 -23.10 4.38 -15.56
CA MET A 35 -22.23 3.76 -16.54
C MET A 35 -20.78 4.21 -16.39
N SER A 36 -20.38 4.59 -15.18
CA SER A 36 -19.00 4.97 -14.92
C SER A 36 -18.34 4.05 -13.90
N VAL A 37 -19.00 2.97 -13.49
CA VAL A 37 -18.47 2.10 -12.44
C VAL A 37 -17.26 1.35 -12.98
N GLY A 38 -16.13 1.49 -12.30
CA GLY A 38 -14.90 0.91 -12.81
C GLY A 38 -14.58 -0.47 -12.27
N ALA A 39 -15.60 -1.31 -12.09
CA ALA A 39 -15.42 -2.66 -11.57
C ALA A 39 -16.52 -3.56 -12.15
N TYR A 40 -16.22 -4.85 -12.24
CA TYR A 40 -17.18 -5.77 -12.85
C TYR A 40 -18.47 -5.85 -12.04
N ARG A 41 -19.58 -5.99 -12.76
CA ARG A 41 -20.91 -6.22 -12.19
C ARG A 41 -21.57 -7.34 -12.96
N ASP A 42 -22.42 -8.12 -12.28
CA ASP A 42 -23.09 -9.23 -12.94
C ASP A 42 -24.36 -8.71 -13.65
N ASP A 43 -25.19 -9.63 -14.15
CA ASP A 43 -26.38 -9.24 -14.91
C ASP A 43 -27.45 -8.57 -14.05
N THR A 44 -27.35 -8.59 -12.73
CA THR A 44 -28.26 -7.84 -11.88
C THR A 44 -27.68 -6.51 -11.46
N GLY A 45 -26.48 -6.17 -11.91
CA GLY A 45 -25.86 -4.91 -11.52
C GLY A 45 -25.13 -4.93 -10.19
N LYS A 46 -24.79 -6.13 -9.66
CA LYS A 46 -24.19 -6.26 -8.33
C LYS A 46 -22.73 -6.69 -8.43
N PRO A 47 -21.92 -6.34 -7.44
CA PRO A 47 -20.56 -6.91 -7.35
C PRO A 47 -20.64 -8.42 -7.37
N TRP A 48 -19.65 -9.05 -8.01
CA TRP A 48 -19.68 -10.48 -8.26
C TRP A 48 -18.37 -11.10 -7.79
N ILE A 49 -18.42 -11.86 -6.70
CA ILE A 49 -17.24 -12.59 -6.25
C ILE A 49 -17.06 -13.84 -7.11
N LEU A 50 -15.89 -14.01 -7.70
CA LEU A 50 -15.64 -15.19 -8.57
C LEU A 50 -15.70 -16.48 -7.73
N PRO A 51 -16.51 -17.45 -8.14
CA PRO A 51 -16.59 -18.71 -7.36
C PRO A 51 -15.23 -19.29 -7.01
N ALA A 52 -14.27 -19.24 -7.94
CA ALA A 52 -12.94 -19.76 -7.65
C ALA A 52 -12.25 -18.95 -6.56
N VAL A 53 -12.49 -17.64 -6.51
CA VAL A 53 -11.86 -16.81 -5.50
C VAL A 53 -12.49 -17.06 -4.13
N LYS A 54 -13.82 -17.16 -4.09
CA LYS A 54 -14.49 -17.48 -2.83
C LYS A 54 -14.03 -18.84 -2.32
N LYS A 55 -13.98 -19.82 -3.21
CA LYS A 55 -13.48 -21.16 -2.87
C LYS A 55 -12.05 -21.10 -2.33
N ALA A 56 -11.16 -20.39 -3.03
CA ALA A 56 -9.76 -20.29 -2.59
C ALA A 56 -9.65 -19.62 -1.22
N SER A 57 -10.44 -18.56 -0.97
CA SER A 57 -10.33 -17.93 0.33
C SER A 57 -10.82 -18.85 1.46
N LYS A 58 -11.83 -19.67 1.20
CA LYS A 58 -12.26 -20.66 2.19
C LYS A 58 -11.17 -21.69 2.46
N ILE A 59 -10.52 -22.18 1.41
CA ILE A 59 -9.43 -23.14 1.56
C ILE A 59 -8.29 -22.54 2.37
N VAL A 60 -7.93 -21.29 2.05
CA VAL A 60 -6.79 -20.66 2.70
C VAL A 60 -7.05 -20.44 4.19
N GLU A 61 -8.26 -20.04 4.55
CA GLU A 61 -8.53 -19.70 5.94
C GLU A 61 -8.49 -20.92 6.84
N GLU A 62 -8.77 -22.11 6.29
CA GLU A 62 -8.74 -23.34 7.06
C GLU A 62 -7.36 -23.97 7.14
N GLN A 63 -6.40 -23.45 6.38
CA GLN A 63 -5.07 -24.05 6.36
C GLN A 63 -4.40 -23.91 7.71
N ALA A 64 -3.68 -24.96 8.12
CA ALA A 64 -3.05 -24.95 9.43
C ALA A 64 -2.06 -23.80 9.57
N SER A 65 -1.37 -23.44 8.50
CA SER A 65 -0.33 -22.41 8.52
C SER A 65 -0.88 -20.99 8.39
N PHE A 66 -2.19 -20.80 8.31
CA PHE A 66 -2.74 -19.48 8.02
C PHE A 66 -2.48 -18.53 9.20
N ASN A 67 -2.03 -17.32 8.91
CA ASN A 67 -1.81 -16.33 9.96
C ASN A 67 -1.77 -14.95 9.32
N HIS A 68 -1.49 -13.92 10.14
CA HIS A 68 -1.46 -12.55 9.66
C HIS A 68 -0.07 -11.94 9.78
N GLU A 69 0.97 -12.78 9.79
CA GLU A 69 2.35 -12.33 9.98
C GLU A 69 2.85 -11.55 8.76
N TYR A 70 3.88 -10.74 8.98
CA TYR A 70 4.47 -9.96 7.90
C TYR A 70 4.93 -10.86 6.76
N LEU A 71 4.74 -10.38 5.54
CA LEU A 71 5.38 -10.97 4.37
C LEU A 71 6.81 -10.45 4.21
N PRO A 72 7.67 -11.16 3.46
CA PRO A 72 8.91 -10.55 2.99
C PRO A 72 8.67 -9.24 2.27
N ILE A 73 9.72 -8.44 2.17
CA ILE A 73 9.57 -7.09 1.62
C ILE A 73 9.04 -7.14 0.19
N ALA A 74 9.51 -8.11 -0.59
CA ALA A 74 9.07 -8.26 -1.97
C ALA A 74 7.76 -9.04 -2.09
N GLY A 75 7.22 -9.55 -0.99
CA GLY A 75 5.92 -10.18 -0.97
C GLY A 75 6.01 -11.69 -0.79
N LEU A 76 4.84 -12.33 -0.91
CA LEU A 76 4.72 -13.76 -0.70
C LEU A 76 5.35 -14.50 -1.87
N PRO A 77 6.41 -15.31 -1.65
CA PRO A 77 7.15 -15.85 -2.80
C PRO A 77 6.31 -16.71 -3.74
N ARG A 78 5.40 -17.53 -3.21
CA ARG A 78 4.61 -18.34 -4.13
C ARG A 78 3.60 -17.51 -4.90
N PHE A 79 3.28 -16.30 -4.42
CA PHE A 79 2.50 -15.38 -5.24
C PHE A 79 3.36 -14.73 -6.32
N THR A 80 4.49 -14.11 -5.95
CA THR A 80 5.25 -13.39 -6.96
C THR A 80 5.73 -14.34 -8.05
N LYS A 81 6.11 -15.57 -7.69
CA LYS A 81 6.53 -16.51 -8.72
C LYS A 81 5.37 -16.89 -9.63
N ALA A 82 4.21 -17.22 -9.06
CA ALA A 82 3.05 -17.61 -9.85
C ALA A 82 2.53 -16.46 -10.70
N ALA A 83 2.58 -15.23 -10.17
CA ALA A 83 2.11 -14.08 -10.94
C ALA A 83 2.94 -13.88 -12.20
N ALA A 84 4.25 -14.07 -12.10
CA ALA A 84 5.12 -14.01 -13.28
C ALA A 84 4.86 -15.16 -14.22
N GLU A 85 4.64 -16.37 -13.70
CA GLU A 85 4.44 -17.52 -14.56
C GLU A 85 3.18 -17.34 -15.43
N VAL A 86 2.10 -16.80 -14.86
CA VAL A 86 0.87 -16.70 -15.65
C VAL A 86 1.01 -15.65 -16.76
N LEU A 87 1.89 -14.65 -16.58
CA LEU A 87 2.16 -13.67 -17.63
C LEU A 87 2.95 -14.28 -18.78
N PHE A 88 3.86 -15.20 -18.48
CA PHE A 88 4.87 -15.69 -19.41
C PHE A 88 4.77 -17.20 -19.60
N ARG A 89 3.54 -17.72 -19.71
CA ARG A 89 3.40 -19.15 -19.95
C ARG A 89 4.15 -19.62 -21.21
N PRO A 90 4.16 -18.88 -22.33
CA PRO A 90 5.00 -19.31 -23.47
C PRO A 90 6.49 -19.12 -23.25
N ASN A 91 6.94 -18.50 -22.17
CA ASN A 91 8.37 -18.22 -21.97
C ASN A 91 8.81 -18.58 -20.55
N PRO A 92 8.68 -19.85 -20.14
CA PRO A 92 9.06 -20.23 -18.77
C PRO A 92 10.54 -20.05 -18.49
N HIS A 93 11.39 -19.96 -19.52
CA HIS A 93 12.83 -19.81 -19.30
C HIS A 93 13.16 -18.50 -18.59
N LEU A 94 12.31 -17.48 -18.68
CA LEU A 94 12.58 -16.22 -17.97
C LEU A 94 12.59 -16.44 -16.46
N LEU A 95 11.71 -17.31 -15.97
CA LEU A 95 11.68 -17.63 -14.55
C LEU A 95 12.83 -18.56 -14.16
N SER A 96 12.98 -19.67 -14.90
CA SER A 96 13.94 -20.69 -14.48
C SER A 96 15.37 -20.19 -14.60
N GLU A 97 15.64 -19.26 -15.53
CA GLU A 97 16.94 -18.61 -15.56
C GLU A 97 17.09 -17.51 -14.50
N ASP A 98 16.05 -17.26 -13.69
CA ASP A 98 16.14 -16.26 -12.62
C ASP A 98 16.33 -14.85 -13.18
N ARG A 99 15.62 -14.54 -14.26
CA ARG A 99 15.75 -13.25 -14.91
C ARG A 99 14.63 -12.26 -14.59
N VAL A 100 13.63 -12.63 -13.79
CA VAL A 100 12.50 -11.74 -13.51
C VAL A 100 12.60 -11.30 -12.06
N ALA A 101 12.70 -9.98 -11.84
CA ALA A 101 12.60 -9.39 -10.50
C ALA A 101 11.14 -9.02 -10.27
N SER A 102 10.50 -9.68 -9.31
CA SER A 102 9.08 -9.53 -9.07
C SER A 102 8.85 -8.97 -7.68
N MET A 103 8.05 -7.91 -7.58
CA MET A 103 7.75 -7.26 -6.31
C MET A 103 6.23 -7.20 -6.17
N GLN A 104 5.70 -7.94 -5.21
CA GLN A 104 4.29 -7.79 -4.88
C GLN A 104 4.02 -6.35 -4.50
N SER A 105 2.95 -5.78 -5.04
CA SER A 105 2.66 -4.37 -4.93
CA SER A 105 2.68 -4.36 -4.90
C SER A 105 1.24 -4.16 -4.45
N VAL A 106 0.93 -2.92 -4.08
CA VAL A 106 -0.43 -2.55 -3.72
C VAL A 106 -1.20 -2.40 -5.03
N SER A 107 -1.55 -3.54 -5.62
CA SER A 107 -2.27 -3.66 -6.89
C SER A 107 -1.52 -3.00 -8.04
N GLY A 108 -2.23 -2.75 -9.13
CA GLY A 108 -1.58 -2.21 -10.33
C GLY A 108 -1.03 -0.81 -10.12
N THR A 109 -1.75 0.03 -9.36
CA THR A 109 -1.27 1.40 -9.16
C THR A 109 0.05 1.40 -8.41
N GLY A 110 0.15 0.61 -7.34
CA GLY A 110 1.40 0.48 -6.61
C GLY A 110 2.52 -0.11 -7.44
N ALA A 111 2.20 -1.06 -8.34
CA ALA A 111 3.23 -1.55 -9.26
C ALA A 111 3.74 -0.44 -10.16
N ASN A 112 2.83 0.38 -10.69
CA ASN A 112 3.24 1.51 -11.52
C ASN A 112 4.08 2.50 -10.70
N PHE A 113 3.72 2.70 -9.44
CA PHE A 113 4.50 3.62 -8.61
C PHE A 113 5.91 3.08 -8.41
N LEU A 114 6.03 1.77 -8.17
CA LEU A 114 7.35 1.15 -8.01
C LEU A 114 8.18 1.33 -9.27
N ALA A 115 7.62 0.95 -10.43
CA ALA A 115 8.39 1.03 -11.66
C ALA A 115 8.81 2.46 -11.95
N ALA A 116 7.90 3.42 -11.75
CA ALA A 116 8.20 4.80 -12.07
C ALA A 116 9.24 5.38 -11.11
N SER A 117 9.13 5.08 -9.81
CA SER A 117 10.15 5.51 -8.86
C SER A 117 11.51 4.97 -9.25
N PHE A 118 11.59 3.66 -9.52
CA PHE A 118 12.86 3.08 -9.93
C PHE A 118 13.38 3.74 -11.20
N ILE A 119 12.53 3.85 -12.22
CA ILE A 119 12.98 4.36 -13.52
C ILE A 119 13.40 5.82 -13.40
N GLU A 120 12.70 6.62 -12.59
CA GLU A 120 13.08 8.01 -12.39
C GLU A 120 14.48 8.11 -11.80
N THR A 121 14.75 7.38 -10.72
CA THR A 121 16.04 7.47 -10.04
C THR A 121 17.18 6.91 -10.89
N PHE A 122 16.98 5.75 -11.51
CA PHE A 122 18.10 5.03 -12.12
C PHE A 122 18.15 5.16 -13.64
N TYR A 123 17.21 5.87 -14.25
CA TYR A 123 17.25 6.07 -15.69
C TYR A 123 17.07 7.54 -16.06
N VAL A 124 15.97 8.15 -15.61
CA VAL A 124 15.65 9.52 -16.02
C VAL A 124 16.72 10.50 -15.53
N LYS A 125 17.17 10.34 -14.28
CA LYS A 125 18.17 11.22 -13.69
C LYS A 125 19.34 11.55 -14.62
N HIS A 126 19.88 10.54 -15.30
CA HIS A 126 21.06 10.78 -16.13
C HIS A 126 20.75 10.82 -17.62
N THR A 127 19.58 10.36 -18.07
CA THR A 127 19.25 10.44 -19.49
C THR A 127 18.33 11.61 -19.84
N GLY A 128 17.60 12.16 -18.88
CA GLY A 128 16.60 13.17 -19.22
C GLY A 128 15.43 12.67 -20.04
N ALA A 129 15.21 11.35 -20.08
CA ALA A 129 14.12 10.79 -20.88
C ALA A 129 12.76 11.21 -20.35
N HIS A 130 11.81 11.43 -21.26
CA HIS A 130 10.40 11.62 -20.91
C HIS A 130 9.66 10.29 -21.01
N VAL A 131 8.48 10.24 -20.38
CA VAL A 131 7.61 9.08 -20.50
C VAL A 131 6.44 9.44 -21.42
N TYR A 132 6.09 8.51 -22.32
CA TYR A 132 5.02 8.69 -23.28
C TYR A 132 3.86 7.77 -22.90
N ILE A 133 2.67 8.35 -22.77
CA ILE A 133 1.45 7.65 -22.44
C ILE A 133 0.42 7.89 -23.54
N SER A 134 -0.55 6.98 -23.66
CA SER A 134 -1.50 7.09 -24.76
C SER A 134 -2.43 8.28 -24.52
N ASN A 135 -2.89 8.87 -25.62
CA ASN A 135 -3.90 9.92 -25.57
C ASN A 135 -5.19 9.40 -26.18
N PRO A 136 -6.22 9.03 -25.37
CA PRO A 136 -6.30 9.12 -23.90
C PRO A 136 -5.75 7.92 -23.14
N THR A 137 -5.62 8.05 -21.82
CA THR A 137 -5.26 6.91 -21.00
C THR A 137 -5.89 7.09 -19.63
N TRP A 138 -5.70 6.09 -18.77
CA TRP A 138 -6.02 6.21 -17.36
C TRP A 138 -5.35 7.45 -16.76
N PRO A 139 -6.11 8.41 -16.23
CA PRO A 139 -5.52 9.72 -15.88
C PRO A 139 -4.43 9.66 -14.82
N VAL A 140 -4.41 8.63 -13.97
CA VAL A 140 -3.33 8.49 -13.01
C VAL A 140 -2.00 8.21 -13.67
N HIS A 141 -1.98 7.70 -14.91
CA HIS A 141 -0.70 7.49 -15.57
C HIS A 141 0.08 8.80 -15.67
N ARG A 142 -0.61 9.91 -15.93
CA ARG A 142 0.10 11.17 -16.06
C ARG A 142 0.55 11.71 -14.70
N THR A 143 -0.38 11.82 -13.74
CA THR A 143 -0.04 12.46 -12.46
C THR A 143 0.94 11.62 -11.66
N LEU A 144 0.85 10.29 -11.73
CA LEU A 144 1.79 9.48 -10.97
C LEU A 144 3.23 9.74 -11.41
N TRP A 145 3.45 9.84 -12.73
CA TRP A 145 4.80 10.06 -13.24
C TRP A 145 5.26 11.49 -13.02
N GLU A 146 4.37 12.47 -13.25
CA GLU A 146 4.72 13.87 -13.00
C GLU A 146 5.04 14.11 -11.53
N LYS A 147 4.29 13.49 -10.61
CA LYS A 147 4.58 13.65 -9.18
C LYS A 147 5.97 13.13 -8.83
N LEU A 148 6.47 12.13 -9.56
CA LEU A 148 7.82 11.63 -9.33
C LEU A 148 8.87 12.41 -10.11
N GLY A 149 8.48 13.49 -10.77
CA GLY A 149 9.43 14.37 -11.42
C GLY A 149 9.75 14.04 -12.86
N VAL A 150 9.03 13.11 -13.48
CA VAL A 150 9.26 12.78 -14.89
C VAL A 150 8.33 13.61 -15.76
N THR A 151 8.84 14.12 -16.85
CA THR A 151 8.03 14.84 -17.83
C THR A 151 7.24 13.84 -18.68
N VAL A 152 5.95 14.12 -18.84
CA VAL A 152 5.00 13.23 -19.50
C VAL A 152 4.64 13.82 -20.86
N GLU A 153 4.80 13.01 -21.91
CA GLU A 153 4.35 13.32 -23.25
C GLU A 153 3.27 12.33 -23.62
N THR A 154 2.61 12.53 -24.76
CA THR A 154 1.60 11.57 -25.17
C THR A 154 1.88 11.08 -26.59
N TYR A 155 1.35 9.90 -26.89
CA TYR A 155 1.23 9.46 -28.26
C TYR A 155 -0.24 9.36 -28.64
N PRO A 156 -0.59 9.68 -29.88
CA PRO A 156 -1.99 9.59 -30.30
C PRO A 156 -2.51 8.16 -30.19
N TYR A 157 -3.80 8.02 -29.83
CA TYR A 157 -4.35 6.69 -29.69
C TYR A 157 -5.77 6.57 -30.24
N TRP A 158 -6.66 7.47 -29.85
CA TRP A 158 -8.03 7.43 -30.32
C TRP A 158 -8.17 8.28 -31.58
N ASP A 159 -8.57 7.64 -32.68
CA ASP A 159 -8.91 8.34 -33.92
C ASP A 159 -10.41 8.57 -33.89
N ALA A 160 -10.82 9.79 -33.53
CA ALA A 160 -12.25 10.02 -33.24
C ALA A 160 -13.11 9.96 -34.50
N LYS A 161 -12.59 10.48 -35.62
CA LYS A 161 -13.35 10.44 -36.88
C LYS A 161 -13.64 9.00 -37.29
N ASN A 162 -12.66 8.11 -37.18
CA ASN A 162 -12.87 6.72 -37.59
C ASN A 162 -13.26 5.81 -36.42
N ARG A 163 -13.37 6.36 -35.20
CA ARG A 163 -13.66 5.59 -33.99
C ARG A 163 -12.80 4.32 -33.93
N SER A 164 -11.49 4.52 -34.03
CA SER A 164 -10.57 3.39 -34.08
C SER A 164 -9.24 3.81 -33.46
N PHE A 165 -8.29 2.88 -33.47
CA PHE A 165 -6.94 3.11 -32.97
C PHE A 165 -6.15 3.92 -33.99
N ASP A 166 -5.56 5.02 -33.54
CA ASP A 166 -4.76 5.90 -34.40
C ASP A 166 -3.35 5.31 -34.55
N TYR A 167 -3.29 4.23 -35.31
CA TYR A 167 -2.03 3.52 -35.53
C TYR A 167 -0.96 4.44 -36.14
N GLU A 168 -1.32 5.17 -37.19
CA GLU A 168 -0.30 5.99 -37.86
C GLU A 168 0.20 7.13 -36.96
N GLY A 169 -0.69 7.73 -36.16
CA GLY A 169 -0.26 8.75 -35.23
C GLY A 169 0.67 8.21 -34.14
N MET A 170 0.32 7.06 -33.56
CA MET A 170 1.20 6.45 -32.56
C MET A 170 2.56 6.11 -33.16
N LEU A 171 2.56 5.43 -34.30
CA LEU A 171 3.82 5.07 -34.96
C LEU A 171 4.68 6.29 -35.22
N SER A 172 4.06 7.37 -35.69
CA SER A 172 4.82 8.57 -36.02
C SER A 172 5.45 9.18 -34.77
N THR A 173 4.72 9.18 -33.65
CA THR A 173 5.28 9.66 -32.39
C THR A 173 6.43 8.78 -31.92
N ILE A 174 6.29 7.46 -32.06
CA ILE A 174 7.40 6.58 -31.67
C ILE A 174 8.66 6.92 -32.43
N LYS A 175 8.54 7.15 -33.74
CA LYS A 175 9.74 7.38 -34.54
C LYS A 175 10.37 8.75 -34.24
N SER A 176 9.58 9.75 -33.88
CA SER A 176 10.14 11.09 -33.70
C SER A 176 10.54 11.37 -32.26
N ALA A 177 10.10 10.57 -31.30
CA ALA A 177 10.48 10.80 -29.92
C ALA A 177 11.97 10.58 -29.75
N PRO A 178 12.62 11.35 -28.86
CA PRO A 178 14.05 11.17 -28.61
C PRO A 178 14.37 9.72 -28.28
N GLU A 179 15.51 9.25 -28.79
CA GLU A 179 15.93 7.88 -28.52
C GLU A 179 15.96 7.62 -27.02
N GLY A 180 15.53 6.42 -26.63
CA GLY A 180 15.54 6.07 -25.22
C GLY A 180 14.46 6.71 -24.40
N SER A 181 13.39 7.21 -25.03
CA SER A 181 12.22 7.63 -24.28
C SER A 181 11.53 6.42 -23.67
N ILE A 182 10.71 6.67 -22.67
CA ILE A 182 9.96 5.64 -21.97
C ILE A 182 8.56 5.59 -22.55
N PHE A 183 8.10 4.39 -22.93
CA PHE A 183 6.77 4.23 -23.51
C PHE A 183 5.95 3.31 -22.63
N LEU A 184 4.80 3.82 -22.18
CA LEU A 184 3.87 3.10 -21.31
C LEU A 184 2.79 2.50 -22.20
N LEU A 185 2.81 1.18 -22.35
CA LEU A 185 1.94 0.47 -23.29
C LEU A 185 0.89 -0.33 -22.52
N HIS A 186 -0.33 -0.33 -23.06
CA HIS A 186 -1.41 -1.17 -22.52
C HIS A 186 -1.34 -2.53 -23.19
N ALA A 187 -1.19 -3.59 -22.39
CA ALA A 187 -0.99 -4.93 -22.96
C ALA A 187 -2.23 -5.42 -23.70
N CYS A 188 -3.42 -5.15 -23.16
CA CYS A 188 -4.69 -5.47 -23.83
C CYS A 188 -5.81 -4.73 -23.13
N ALA A 189 -6.96 -4.64 -23.81
CA ALA A 189 -8.13 -3.96 -23.27
C ALA A 189 -7.75 -2.55 -22.82
N HIS A 190 -7.40 -1.74 -23.81
CA HIS A 190 -6.96 -0.39 -23.56
C HIS A 190 -8.00 0.37 -22.75
N ASN A 191 -7.52 1.05 -21.72
CA ASN A 191 -8.35 1.87 -20.85
C ASN A 191 -8.00 3.33 -21.14
N PRO A 192 -8.95 4.20 -21.56
CA PRO A 192 -10.41 4.02 -21.53
C PRO A 192 -11.12 3.64 -22.84
N THR A 193 -10.40 3.45 -23.97
CA THR A 193 -11.11 3.36 -25.25
C THR A 193 -11.63 1.95 -25.53
N GLY A 194 -10.95 0.92 -25.03
CA GLY A 194 -11.28 -0.44 -25.36
C GLY A 194 -10.68 -0.97 -26.65
N ILE A 195 -10.08 -0.13 -27.48
CA ILE A 195 -9.58 -0.59 -28.78
C ILE A 195 -8.07 -0.82 -28.67
N ASP A 196 -7.63 -2.03 -29.09
CA ASP A 196 -6.26 -2.54 -29.07
C ASP A 196 -5.67 -2.60 -30.47
N PRO A 197 -4.35 -2.47 -30.61
CA PRO A 197 -3.72 -2.73 -31.90
C PRO A 197 -3.93 -4.19 -32.29
N THR A 198 -4.03 -4.43 -33.59
CA THR A 198 -3.94 -5.80 -34.09
C THR A 198 -2.53 -6.36 -33.87
N ARG A 199 -2.41 -7.69 -34.00
CA ARG A 199 -1.08 -8.29 -33.90
C ARG A 199 -0.14 -7.72 -34.94
N GLU A 200 -0.63 -7.56 -36.17
CA GLU A 200 0.15 -6.90 -37.23
C GLU A 200 0.60 -5.49 -36.82
N GLN A 201 -0.32 -4.69 -36.27
CA GLN A 201 0.07 -3.35 -35.84
C GLN A 201 1.09 -3.41 -34.70
N TRP A 202 0.90 -4.35 -33.77
CA TRP A 202 1.85 -4.51 -32.66
C TRP A 202 3.27 -4.77 -33.16
N LEU A 203 3.40 -5.65 -34.15
CA LEU A 203 4.74 -6.00 -34.65
C LEU A 203 5.43 -4.76 -35.21
N SER A 204 4.69 -3.93 -35.95
CA SER A 204 5.25 -2.68 -36.45
C SER A 204 5.56 -1.70 -35.31
N ILE A 205 4.70 -1.66 -34.28
CA ILE A 205 4.98 -0.84 -33.11
C ILE A 205 6.28 -1.28 -32.43
N PHE A 206 6.45 -2.60 -32.24
CA PHE A 206 7.67 -3.10 -31.60
C PHE A 206 8.90 -2.77 -32.42
N GLU A 207 8.81 -2.91 -33.75
CA GLU A 207 9.94 -2.60 -34.61
C GLU A 207 10.42 -1.16 -34.43
N SER A 208 9.49 -0.21 -34.40
CA SER A 208 9.89 1.19 -34.28
C SER A 208 10.37 1.51 -32.86
N LEU A 209 9.76 0.90 -31.84
CA LEU A 209 10.25 1.08 -30.47
C LEU A 209 11.69 0.62 -30.34
N LEU A 210 12.04 -0.53 -30.93
CA LEU A 210 13.42 -1.00 -30.85
C LEU A 210 14.36 -0.15 -31.71
N SER A 211 13.91 0.28 -32.89
CA SER A 211 14.75 1.12 -33.74
C SER A 211 15.14 2.42 -33.04
N ARG A 212 14.26 2.95 -32.19
CA ARG A 212 14.54 4.16 -31.43
C ARG A 212 15.08 3.89 -30.04
N LYS A 213 15.28 2.61 -29.68
CA LYS A 213 15.89 2.22 -28.41
C LYS A 213 15.09 2.74 -27.22
N HIS A 214 13.77 2.81 -27.35
CA HIS A 214 12.93 3.25 -26.26
C HIS A 214 12.86 2.18 -25.17
N LEU A 215 12.58 2.62 -23.94
CA LEU A 215 12.39 1.72 -22.82
C LEU A 215 10.90 1.43 -22.65
N VAL A 216 10.54 0.15 -22.59
CA VAL A 216 9.13 -0.28 -22.63
C VAL A 216 8.66 -0.66 -21.23
N VAL A 217 7.50 -0.11 -20.84
CA VAL A 217 6.77 -0.49 -19.63
C VAL A 217 5.37 -0.92 -20.07
N PHE A 218 5.04 -2.20 -19.85
CA PHE A 218 3.70 -2.72 -20.11
C PHE A 218 2.84 -2.59 -18.87
N ASP A 219 1.63 -2.08 -19.04
CA ASP A 219 0.60 -2.15 -18.00
C ASP A 219 -0.38 -3.25 -18.39
N ILE A 220 -0.52 -4.27 -17.56
CA ILE A 220 -1.43 -5.38 -17.86
C ILE A 220 -2.38 -5.53 -16.68
N ALA A 221 -3.52 -4.85 -16.75
CA ALA A 221 -4.52 -4.87 -15.71
C ALA A 221 -5.70 -5.79 -15.99
N TYR A 222 -5.79 -6.37 -17.21
CA TYR A 222 -7.00 -7.12 -17.56
C TYR A 222 -6.68 -8.49 -18.19
N GLN A 223 -5.58 -9.12 -17.81
CA GLN A 223 -5.25 -10.41 -18.42
C GLN A 223 -6.32 -11.44 -18.06
N GLY A 224 -6.85 -12.11 -19.10
CA GLY A 224 -7.88 -13.13 -18.92
C GLY A 224 -9.27 -12.52 -18.80
N PHE A 225 -9.35 -11.40 -18.09
CA PHE A 225 -10.60 -10.67 -17.98
C PHE A 225 -11.08 -10.12 -19.32
N ALA A 226 -10.14 -9.74 -20.20
CA ALA A 226 -10.55 -9.13 -21.46
C ALA A 226 -11.20 -10.16 -22.39
N SER A 227 -10.51 -11.29 -22.63
CA SER A 227 -11.01 -12.26 -23.61
C SER A 227 -11.41 -13.60 -23.03
N GLY A 228 -11.15 -13.85 -21.75
CA GLY A 228 -11.35 -15.19 -21.24
C GLY A 228 -10.21 -16.14 -21.55
N ASP A 229 -9.17 -15.67 -22.24
CA ASP A 229 -8.05 -16.49 -22.66
C ASP A 229 -6.79 -15.81 -22.15
N LEU A 230 -6.10 -16.44 -21.20
CA LEU A 230 -4.98 -15.80 -20.52
C LEU A 230 -3.80 -15.57 -21.46
N ASN A 231 -3.45 -16.57 -22.27
CA ASN A 231 -2.30 -16.44 -23.17
C ASN A 231 -2.59 -15.46 -24.31
N ARG A 232 -3.83 -15.41 -24.80
CA ARG A 232 -4.20 -14.39 -25.79
C ARG A 232 -4.03 -12.99 -25.22
N ASP A 233 -4.43 -12.78 -23.97
CA ASP A 233 -4.36 -11.43 -23.42
C ASP A 233 -2.94 -11.01 -23.08
N SER A 234 -2.03 -11.96 -22.86
CA SER A 234 -0.63 -11.64 -22.64
C SER A 234 0.21 -11.76 -23.92
N TRP A 235 -0.43 -11.85 -25.08
CA TRP A 235 0.30 -12.08 -26.33
C TRP A 235 1.34 -11.00 -26.60
N ALA A 236 1.00 -9.73 -26.38
CA ALA A 236 1.93 -8.65 -26.69
C ALA A 236 3.17 -8.71 -25.83
N LEU A 237 3.00 -8.99 -24.52
CA LEU A 237 4.12 -9.20 -23.61
C LEU A 237 5.06 -10.27 -24.12
N ASN A 238 4.50 -11.42 -24.48
CA ASN A 238 5.34 -12.55 -24.87
C ASN A 238 5.96 -12.35 -26.24
N GLU A 239 5.29 -11.58 -27.10
CA GLU A 239 5.92 -11.25 -28.39
C GLU A 239 7.15 -10.37 -28.17
N PHE A 240 7.04 -9.41 -27.24
CA PHE A 240 8.16 -8.50 -27.00
C PHE A 240 9.37 -9.24 -26.44
N VAL A 241 9.15 -10.35 -25.71
CA VAL A 241 10.27 -11.12 -25.16
C VAL A 241 11.23 -11.55 -26.27
N LYS A 242 10.71 -11.85 -27.47
CA LYS A 242 11.53 -12.31 -28.58
C LYS A 242 12.63 -11.33 -28.95
N TYR A 243 12.49 -10.06 -28.62
CA TYR A 243 13.46 -9.05 -29.05
C TYR A 243 14.65 -8.91 -28.09
N ASN A 244 14.62 -9.58 -26.94
CA ASN A 244 15.76 -9.63 -26.01
C ASN A 244 16.19 -8.24 -25.56
N LYS A 245 15.21 -7.41 -25.19
CA LYS A 245 15.44 -6.13 -24.50
C LYS A 245 14.84 -6.21 -23.10
N ASP A 246 15.57 -5.73 -22.09
CA ASP A 246 14.92 -5.74 -20.78
C ASP A 246 13.78 -4.73 -20.76
N PHE A 247 12.76 -5.00 -19.94
CA PHE A 247 11.56 -4.18 -19.89
C PHE A 247 10.85 -4.42 -18.57
N PHE A 248 9.79 -3.63 -18.33
CA PHE A 248 9.01 -3.66 -17.09
C PHE A 248 7.58 -4.05 -17.36
N VAL A 249 6.96 -4.68 -16.36
CA VAL A 249 5.54 -5.06 -16.42
C VAL A 249 4.89 -4.70 -15.10
N CYS A 250 3.74 -4.01 -15.16
CA CYS A 250 2.92 -3.71 -13.99
C CYS A 250 1.61 -4.47 -14.10
N GLN A 251 1.36 -5.36 -13.14
CA GLN A 251 0.31 -6.37 -13.23
C GLN A 251 -0.68 -6.18 -12.10
N SER A 252 -1.96 -6.22 -12.42
CA SER A 252 -3.02 -6.11 -11.42
C SER A 252 -3.91 -7.35 -11.48
N PHE A 253 -4.32 -7.83 -10.30
CA PHE A 253 -5.33 -8.86 -10.21
C PHE A 253 -6.67 -8.30 -9.75
N ALA A 254 -6.81 -6.96 -9.77
CA ALA A 254 -8.02 -6.32 -9.27
C ALA A 254 -9.25 -6.79 -10.06
N LYS A 255 -9.17 -6.78 -11.38
CA LYS A 255 -10.31 -7.16 -12.20
C LYS A 255 -10.34 -8.66 -12.53
N ASN A 256 -9.21 -9.28 -12.88
CA ASN A 256 -9.32 -10.67 -13.33
C ASN A 256 -9.58 -11.64 -12.18
N MET A 257 -9.29 -11.25 -10.93
CA MET A 257 -9.73 -12.05 -9.80
C MET A 257 -10.74 -11.33 -8.93
N GLY A 258 -11.18 -10.15 -9.34
CA GLY A 258 -12.16 -9.41 -8.55
C GLY A 258 -11.65 -9.01 -7.19
N LEU A 259 -10.34 -8.87 -7.03
CA LEU A 259 -9.75 -8.59 -5.72
C LEU A 259 -9.63 -7.10 -5.41
N TYR A 260 -10.06 -6.23 -6.35
CA TYR A 260 -10.12 -4.76 -6.24
C TYR A 260 -9.54 -4.17 -4.96
N GLY A 261 -10.34 -4.17 -3.89
CA GLY A 261 -9.99 -3.54 -2.62
C GLY A 261 -8.99 -4.26 -1.76
N GLU A 262 -8.66 -5.52 -2.06
CA GLU A 262 -7.58 -6.19 -1.35
C GLU A 262 -6.20 -5.78 -1.87
N ARG A 263 -6.12 -5.10 -3.02
CA ARG A 263 -4.89 -4.50 -3.54
C ARG A 263 -3.82 -5.55 -3.84
N THR A 264 -4.12 -6.44 -4.79
CA THR A 264 -3.22 -7.52 -5.17
C THR A 264 -2.64 -7.26 -6.56
N GLY A 265 -1.33 -7.02 -6.62
CA GLY A 265 -0.65 -6.74 -7.87
C GLY A 265 0.81 -7.12 -7.76
N CYS A 266 1.52 -6.94 -8.86
CA CYS A 266 2.94 -7.28 -8.89
C CYS A 266 3.64 -6.43 -9.94
N MET A 267 4.82 -5.92 -9.60
CA MET A 267 5.68 -5.26 -10.59
C MET A 267 6.79 -6.24 -10.98
N HIS A 268 7.11 -6.30 -12.27
CA HIS A 268 8.16 -7.19 -12.76
C HIS A 268 9.14 -6.41 -13.61
N TYR A 269 10.42 -6.66 -13.39
CA TYR A 269 11.49 -6.26 -14.29
C TYR A 269 12.04 -7.53 -14.92
N VAL A 270 12.02 -7.59 -16.25
CA VAL A 270 12.44 -8.75 -17.00
C VAL A 270 13.87 -8.47 -17.46
N ALA A 271 14.84 -8.98 -16.70
CA ALA A 271 16.24 -8.68 -16.95
C ALA A 271 16.80 -9.53 -18.08
N LYS A 272 17.93 -9.09 -18.63
CA LYS A 272 18.64 -9.92 -19.59
C LYS A 272 19.49 -10.98 -18.89
N ASP A 273 19.81 -10.80 -17.62
CA ASP A 273 20.57 -11.82 -16.89
C ASP A 273 20.27 -11.71 -15.40
N ALA A 274 20.58 -12.79 -14.70
CA ALA A 274 20.27 -12.90 -13.28
C ALA A 274 21.01 -11.84 -12.47
N SER A 275 22.25 -11.53 -12.86
CA SER A 275 23.03 -10.52 -12.16
C SER A 275 22.30 -9.18 -12.10
N THR A 276 21.82 -8.69 -13.24
CA THR A 276 21.11 -7.41 -13.24
C THR A 276 19.74 -7.52 -12.57
N LYS A 277 19.08 -8.67 -12.72
CA LYS A 277 17.85 -8.94 -11.98
C LYS A 277 18.04 -8.66 -10.49
N ASN A 278 19.13 -9.16 -9.92
CA ASN A 278 19.33 -8.99 -8.48
C ASN A 278 19.73 -7.57 -8.11
N LYS A 279 20.51 -6.88 -8.96
CA LYS A 279 20.81 -5.48 -8.69
C LYS A 279 19.54 -4.66 -8.62
N VAL A 280 18.67 -4.82 -9.62
CA VAL A 280 17.41 -4.06 -9.69
C VAL A 280 16.52 -4.44 -8.52
N LEU A 281 16.37 -5.74 -8.27
CA LEU A 281 15.51 -6.19 -7.16
C LEU A 281 15.93 -5.54 -5.84
N SER A 282 17.24 -5.48 -5.56
CA SER A 282 17.70 -4.90 -4.30
C SER A 282 17.30 -3.44 -4.18
N GLN A 283 17.33 -2.70 -5.29
CA GLN A 283 16.94 -1.29 -5.26
C GLN A 283 15.43 -1.11 -5.15
N LEU A 284 14.66 -2.01 -5.78
CA LEU A 284 13.20 -1.98 -5.65
C LEU A 284 12.78 -2.21 -4.21
N CYS A 285 13.53 -3.06 -3.49
CA CYS A 285 13.24 -3.31 -2.08
C CYS A 285 13.46 -2.07 -1.23
N ILE A 286 14.43 -1.23 -1.60
CA ILE A 286 14.65 0.02 -0.88
C ILE A 286 13.44 0.94 -1.03
N VAL A 287 12.92 1.09 -2.25
CA VAL A 287 11.72 1.88 -2.45
C VAL A 287 10.56 1.32 -1.62
N GLN A 288 10.30 0.01 -1.76
CA GLN A 288 9.23 -0.65 -1.01
C GLN A 288 9.37 -0.43 0.50
N ARG A 289 10.58 -0.58 1.03
CA ARG A 289 10.79 -0.48 2.46
C ARG A 289 10.37 0.89 2.98
N ASN A 290 10.58 1.94 2.19
CA ASN A 290 10.38 3.32 2.63
C ASN A 290 9.04 3.90 2.21
N THR A 291 8.16 3.09 1.64
CA THR A 291 6.79 3.50 1.32
C THR A 291 5.76 2.70 2.09
N ILE A 292 5.86 1.37 2.07
CA ILE A 292 4.80 0.54 2.65
C ILE A 292 5.38 -0.50 3.60
N SER A 293 6.71 -0.67 3.56
CA SER A 293 7.45 -1.67 4.33
C SER A 293 7.28 -3.07 3.73
N ASN A 294 6.04 -3.56 3.60
CA ASN A 294 5.76 -4.85 2.98
C ASN A 294 4.30 -4.88 2.56
N PRO A 295 3.93 -5.75 1.61
CA PRO A 295 2.61 -5.63 0.95
C PRO A 295 1.54 -6.46 1.66
N PRO A 296 0.26 -6.17 1.40
CA PRO A 296 -0.84 -6.88 2.08
C PRO A 296 -0.97 -8.34 1.66
N ALA A 297 -1.15 -9.21 2.65
CA ALA A 297 -1.03 -10.66 2.45
C ALA A 297 -2.30 -11.29 1.89
N TYR A 298 -3.48 -10.82 2.33
CA TYR A 298 -4.71 -11.57 2.16
C TYR A 298 -4.99 -11.90 0.69
N GLY A 299 -4.97 -10.89 -0.17
CA GLY A 299 -5.23 -11.12 -1.58
C GLY A 299 -4.15 -11.99 -2.23
N ALA A 300 -2.90 -11.84 -1.78
CA ALA A 300 -1.81 -12.61 -2.38
C ALA A 300 -1.95 -14.09 -2.07
N ARG A 301 -2.36 -14.43 -0.83
CA ARG A 301 -2.57 -15.83 -0.49
C ARG A 301 -3.65 -16.43 -1.39
N ILE A 302 -4.70 -15.67 -1.65
CA ILE A 302 -5.81 -16.17 -2.46
C ILE A 302 -5.34 -16.43 -3.89
N ALA A 303 -4.66 -15.43 -4.47
CA ALA A 303 -4.17 -15.53 -5.83
C ALA A 303 -3.17 -16.66 -5.97
N ALA A 304 -2.26 -16.80 -5.01
CA ALA A 304 -1.29 -17.89 -5.07
C ALA A 304 -2.01 -19.23 -4.98
N GLU A 305 -3.07 -19.31 -4.18
CA GLU A 305 -3.79 -20.59 -4.06
C GLU A 305 -4.38 -20.99 -5.41
N ILE A 306 -5.05 -20.06 -6.08
CA ILE A 306 -5.59 -20.32 -7.41
C ILE A 306 -4.50 -20.71 -8.38
N LEU A 307 -3.46 -19.87 -8.49
CA LEU A 307 -2.48 -20.01 -9.57
C LEU A 307 -1.67 -21.31 -9.45
N ASN A 308 -1.46 -21.81 -8.23
CA ASN A 308 -0.64 -23.01 -8.04
C ASN A 308 -1.47 -24.28 -7.95
N SER A 309 -2.80 -24.19 -8.07
CA SER A 309 -3.65 -25.37 -8.05
C SER A 309 -4.22 -25.62 -9.45
N PRO A 310 -3.90 -26.74 -10.10
CA PRO A 310 -4.46 -26.98 -11.43
C PRO A 310 -5.98 -26.92 -11.47
N GLN A 311 -6.67 -27.45 -10.46
CA GLN A 311 -8.12 -27.44 -10.49
C GLN A 311 -8.69 -26.04 -10.23
N LEU A 312 -8.19 -25.35 -9.20
CA LEU A 312 -8.65 -23.98 -8.98
C LEU A 312 -8.33 -23.09 -10.18
N PHE A 313 -7.15 -23.28 -10.78
CA PHE A 313 -6.79 -22.52 -11.98
C PHE A 313 -7.82 -22.73 -13.08
N ALA A 314 -8.19 -23.99 -13.33
CA ALA A 314 -9.19 -24.28 -14.35
C ALA A 314 -10.55 -23.65 -14.00
N GLU A 315 -10.92 -23.68 -12.73
CA GLU A 315 -12.19 -23.07 -12.33
C GLU A 315 -12.13 -21.56 -12.45
N TRP A 316 -10.98 -20.97 -12.14
CA TRP A 316 -10.81 -19.53 -12.36
C TRP A 316 -10.99 -19.18 -13.83
N GLU A 317 -10.44 -20.01 -14.73
CA GLU A 317 -10.60 -19.75 -16.17
C GLU A 317 -12.07 -19.79 -16.57
N GLN A 318 -12.86 -20.69 -15.97
CA GLN A 318 -14.31 -20.65 -16.17
C GLN A 318 -14.91 -19.32 -15.70
N ASP A 319 -14.47 -18.81 -14.54
CA ASP A 319 -14.97 -17.52 -14.08
C ASP A 319 -14.59 -16.37 -15.04
N LEU A 320 -13.37 -16.40 -15.57
CA LEU A 320 -12.96 -15.41 -16.58
C LEU A 320 -13.86 -15.48 -17.81
N LYS A 321 -14.16 -16.69 -18.27
CA LYS A 321 -15.09 -16.85 -19.38
C LYS A 321 -16.45 -16.26 -19.07
N THR A 322 -16.96 -16.50 -17.86
CA THR A 322 -18.24 -15.92 -17.46
C THR A 322 -18.24 -14.41 -17.59
N MET A 323 -17.22 -13.74 -17.01
CA MET A 323 -17.17 -12.28 -17.02
C MET A 323 -16.96 -11.74 -18.43
N SER A 324 -15.96 -12.27 -19.15
CA SER A 324 -15.68 -11.73 -20.47
C SER A 324 -16.84 -11.98 -21.42
N SER A 325 -17.53 -13.12 -21.29
CA SER A 325 -18.66 -13.40 -22.15
C SER A 325 -19.83 -12.44 -21.88
N ARG A 326 -20.09 -12.11 -20.61
CA ARG A 326 -21.20 -11.19 -20.35
C ARG A 326 -20.94 -9.80 -20.95
N ILE A 327 -19.71 -9.31 -20.83
CA ILE A 327 -19.36 -8.01 -21.42
C ILE A 327 -19.52 -8.07 -22.93
N ILE A 328 -18.98 -9.12 -23.55
CA ILE A 328 -19.12 -9.29 -25.00
C ILE A 328 -20.60 -9.31 -25.39
N GLU A 329 -21.43 -9.97 -24.59
CA GLU A 329 -22.86 -10.05 -24.92
C GLU A 329 -23.52 -8.67 -24.80
N MET A 330 -23.13 -7.88 -23.81
CA MET A 330 -23.69 -6.53 -23.70
C MET A 330 -23.21 -5.64 -24.84
N ARG A 331 -21.95 -5.79 -25.28
CA ARG A 331 -21.48 -5.05 -26.44
C ARG A 331 -22.28 -5.40 -27.68
N LYS A 332 -22.56 -6.69 -27.88
CA LYS A 332 -23.35 -7.15 -29.00
C LYS A 332 -24.79 -6.63 -28.91
N ARG A 333 -25.39 -6.67 -27.72
CA ARG A 333 -26.76 -6.18 -27.58
C ARG A 333 -26.84 -4.69 -27.90
N LEU A 334 -25.92 -3.90 -27.34
CA LEU A 334 -25.92 -2.47 -27.59
C LEU A 334 -25.75 -2.17 -29.08
N ARG A 335 -24.74 -2.78 -29.71
CA ARG A 335 -24.52 -2.56 -31.14
C ARG A 335 -25.71 -3.03 -31.97
N ASP A 336 -26.26 -4.21 -31.67
CA ASP A 336 -27.38 -4.73 -32.45
C ASP A 336 -28.59 -3.80 -32.36
N SER A 337 -28.82 -3.18 -31.21
CA SER A 337 -29.99 -2.31 -31.09
C SER A 337 -29.78 -1.00 -31.85
N LEU A 338 -28.56 -0.46 -31.81
CA LEU A 338 -28.24 0.75 -32.56
C LEU A 338 -28.36 0.51 -34.06
N VAL A 339 -27.94 -0.67 -34.54
CA VAL A 339 -28.12 -1.01 -35.94
C VAL A 339 -29.60 -1.10 -36.27
N ALA A 340 -30.36 -1.81 -35.44
CA ALA A 340 -31.79 -1.99 -35.68
C ALA A 340 -32.54 -0.67 -35.65
N LEU A 341 -32.14 0.25 -34.77
CA LEU A 341 -32.73 1.58 -34.73
C LEU A 341 -32.21 2.46 -35.85
N LYS A 342 -31.24 1.99 -36.63
CA LYS A 342 -30.67 2.75 -37.74
C LYS A 342 -30.04 4.07 -37.27
N THR A 343 -29.42 4.04 -36.10
CA THR A 343 -28.75 5.23 -35.57
C THR A 343 -27.67 5.69 -36.56
N PRO A 344 -27.63 6.98 -36.90
CA PRO A 344 -26.61 7.45 -37.84
C PRO A 344 -25.21 7.12 -37.35
N GLY A 345 -24.32 6.81 -38.30
CA GLY A 345 -22.96 6.47 -38.00
C GLY A 345 -22.75 4.96 -37.95
N SER A 346 -21.49 4.57 -37.82
CA SER A 346 -21.14 3.16 -37.71
C SER A 346 -20.89 2.81 -36.25
N TRP A 347 -21.32 1.61 -35.87
CA TRP A 347 -21.31 1.20 -34.47
C TRP A 347 -20.52 -0.07 -34.25
N ASP A 348 -19.77 -0.51 -35.26
CA ASP A 348 -18.96 -1.72 -35.12
C ASP A 348 -17.81 -1.56 -34.13
N HIS A 349 -17.41 -0.33 -33.80
CA HIS A 349 -16.38 -0.16 -32.79
C HIS A 349 -16.83 -0.68 -31.44
N ILE A 350 -18.14 -0.66 -31.17
CA ILE A 350 -18.66 -1.19 -29.90
C ILE A 350 -18.26 -2.65 -29.74
N THR A 351 -18.35 -3.45 -30.80
CA THR A 351 -17.98 -4.86 -30.69
C THR A 351 -16.52 -5.14 -31.10
N GLN A 352 -15.82 -4.17 -31.71
CA GLN A 352 -14.41 -4.35 -32.00
C GLN A 352 -13.52 -4.04 -30.80
N GLN A 353 -14.02 -3.21 -29.89
CA GLN A 353 -13.36 -2.97 -28.61
C GLN A 353 -13.51 -4.19 -27.68
N ILE A 354 -12.70 -4.20 -26.64
CA ILE A 354 -12.66 -5.33 -25.71
C ILE A 354 -12.42 -4.81 -24.29
N GLY A 355 -12.87 -5.57 -23.30
CA GLY A 355 -12.74 -5.14 -21.92
C GLY A 355 -13.97 -4.38 -21.45
N MET A 356 -13.88 -3.86 -20.24
CA MET A 356 -15.10 -3.28 -19.67
C MET A 356 -15.25 -1.79 -19.92
N PHE A 357 -14.32 -1.14 -20.61
CA PHE A 357 -14.47 0.27 -20.98
C PHE A 357 -14.62 0.43 -22.48
N SER A 358 -15.38 1.44 -22.87
CA SER A 358 -15.69 1.68 -24.28
C SER A 358 -15.74 3.17 -24.54
N PHE A 359 -14.98 3.63 -25.54
CA PHE A 359 -15.23 4.94 -26.13
C PHE A 359 -16.38 4.78 -27.12
N THR A 360 -17.54 5.35 -26.77
CA THR A 360 -18.74 5.24 -27.60
C THR A 360 -18.68 6.12 -28.84
N GLY A 361 -17.91 7.21 -28.79
CA GLY A 361 -17.92 8.22 -29.82
C GLY A 361 -18.93 9.33 -29.61
N LEU A 362 -19.70 9.30 -28.53
CA LEU A 362 -20.65 10.38 -28.28
C LEU A 362 -19.91 11.67 -27.91
N THR A 363 -20.52 12.80 -28.27
CA THR A 363 -19.97 14.12 -27.99
C THR A 363 -20.42 14.59 -26.61
N PRO A 364 -19.79 15.63 -26.04
CA PRO A 364 -20.25 16.11 -24.74
C PRO A 364 -21.70 16.54 -24.72
N ALA A 365 -22.20 17.19 -25.78
CA ALA A 365 -23.61 17.53 -25.83
C ALA A 365 -24.49 16.28 -25.80
N GLN A 366 -24.07 15.23 -26.52
CA GLN A 366 -24.84 14.01 -26.55
C GLN A 366 -24.83 13.29 -25.21
N VAL A 367 -23.67 13.28 -24.54
CA VAL A 367 -23.58 12.68 -23.22
C VAL A 367 -24.48 13.43 -22.24
N GLN A 368 -24.45 14.76 -22.29
CA GLN A 368 -25.30 15.55 -21.40
C GLN A 368 -26.79 15.32 -21.70
N PHE A 369 -27.14 15.17 -22.98
CA PHE A 369 -28.52 14.84 -23.35
C PHE A 369 -28.92 13.49 -22.75
N CYS A 370 -28.04 12.49 -22.84
CA CYS A 370 -28.31 11.20 -22.22
C CYS A 370 -28.50 11.32 -20.72
N GLN A 371 -27.72 12.17 -20.07
CA GLN A 371 -27.85 12.34 -18.62
C GLN A 371 -29.18 12.98 -18.27
N GLU A 372 -29.56 14.07 -18.96
CA GLU A 372 -30.75 14.82 -18.56
C GLU A 372 -32.05 14.13 -18.99
N ARG A 373 -32.07 13.51 -20.16
CA ARG A 373 -33.31 12.93 -20.66
C ARG A 373 -33.45 11.43 -20.39
N TYR A 374 -32.34 10.72 -20.16
CA TYR A 374 -32.42 9.28 -19.89
C TYR A 374 -31.72 8.88 -18.61
N HIS A 375 -31.17 9.83 -17.85
CA HIS A 375 -30.59 9.59 -16.53
C HIS A 375 -29.46 8.56 -16.60
N LEU A 376 -28.68 8.63 -17.68
CA LEU A 376 -27.46 7.84 -17.83
C LEU A 376 -26.28 8.68 -17.40
N TYR A 377 -25.44 8.13 -16.53
CA TYR A 377 -24.32 8.85 -15.94
C TYR A 377 -23.00 8.23 -16.41
N PHE A 378 -22.27 8.97 -17.26
CA PHE A 378 -20.98 8.53 -17.76
C PHE A 378 -20.18 9.76 -18.20
N SER A 379 -18.91 9.52 -18.54
CA SER A 379 -17.95 10.60 -18.73
C SER A 379 -18.26 11.41 -19.98
N ALA A 380 -17.94 12.71 -19.92
CA ALA A 380 -18.17 13.64 -21.01
C ALA A 380 -17.39 13.29 -22.28
N ASN A 381 -16.28 12.55 -22.16
CA ASN A 381 -15.55 12.10 -23.34
C ASN A 381 -16.20 10.90 -24.01
N GLY A 382 -17.37 10.47 -23.53
CA GLY A 382 -18.05 9.35 -24.14
C GLY A 382 -17.62 7.98 -23.64
N ARG A 383 -16.75 7.91 -22.64
CA ARG A 383 -16.37 6.62 -22.08
C ARG A 383 -17.53 6.05 -21.27
N ILE A 384 -17.89 4.78 -21.52
CA ILE A 384 -18.81 4.06 -20.66
C ILE A 384 -18.14 2.80 -20.11
N SER A 385 -18.61 2.39 -18.95
CA SER A 385 -18.27 1.07 -18.43
C SER A 385 -19.33 0.07 -18.88
N MET A 386 -18.90 -0.95 -19.61
CA MET A 386 -19.86 -1.97 -20.05
C MET A 386 -20.43 -2.75 -18.86
N ALA A 387 -19.75 -2.74 -17.71
CA ALA A 387 -20.23 -3.52 -16.58
C ALA A 387 -21.54 -3.00 -16.04
N GLY A 388 -21.82 -1.70 -16.25
CA GLY A 388 -23.08 -1.14 -15.80
C GLY A 388 -24.28 -1.59 -16.62
N LEU A 389 -24.03 -2.12 -17.82
CA LEU A 389 -25.08 -2.57 -18.72
C LEU A 389 -25.46 -4.01 -18.39
N ASN A 390 -26.76 -4.28 -18.41
CA ASN A 390 -27.29 -5.63 -18.24
C ASN A 390 -28.65 -5.71 -18.92
N ASN A 391 -29.28 -6.89 -18.79
CA ASN A 391 -30.55 -7.14 -19.47
C ASN A 391 -31.65 -6.18 -19.06
N SER A 392 -31.59 -5.63 -17.86
CA SER A 392 -32.66 -4.75 -17.41
C SER A 392 -32.54 -3.33 -17.97
N ASN A 393 -31.38 -2.92 -18.51
CA ASN A 393 -31.21 -1.54 -18.93
C ASN A 393 -30.59 -1.33 -20.32
N VAL A 394 -30.17 -2.39 -21.01
CA VAL A 394 -29.41 -2.17 -22.24
C VAL A 394 -30.27 -1.57 -23.35
N GLU A 395 -31.56 -1.91 -23.38
CA GLU A 395 -32.44 -1.30 -24.38
C GLU A 395 -32.72 0.17 -24.06
N HIS A 396 -32.90 0.50 -22.78
CA HIS A 396 -32.98 1.89 -22.38
C HIS A 396 -31.74 2.68 -22.82
N VAL A 397 -30.55 2.08 -22.66
CA VAL A 397 -29.31 2.75 -23.05
C VAL A 397 -29.24 2.94 -24.57
N ALA A 398 -29.55 1.91 -25.34
CA ALA A 398 -29.57 2.04 -26.79
C ALA A 398 -30.56 3.11 -27.25
N GLN A 399 -31.73 3.16 -26.65
CA GLN A 399 -32.73 4.16 -27.03
C GLN A 399 -32.21 5.56 -26.76
N ALA A 400 -31.51 5.74 -25.62
CA ALA A 400 -30.93 7.04 -25.28
C ALA A 400 -29.88 7.46 -26.31
N PHE A 401 -28.95 6.55 -26.62
CA PHE A 401 -27.92 6.86 -27.61
C PHE A 401 -28.55 7.20 -28.96
N ASN A 402 -29.51 6.39 -29.39
CA ASN A 402 -30.17 6.64 -30.67
C ASN A 402 -30.78 8.04 -30.70
N HIS A 403 -31.51 8.39 -29.64
CA HIS A 403 -32.16 9.69 -29.58
C HIS A 403 -31.12 10.81 -29.56
N ALA A 404 -30.09 10.66 -28.72
CA ALA A 404 -29.08 11.71 -28.57
C ALA A 404 -28.35 11.97 -29.89
N VAL A 405 -27.95 10.92 -30.58
CA VAL A 405 -27.22 11.09 -31.84
C VAL A 405 -28.11 11.70 -32.92
N ARG A 406 -29.36 11.25 -33.01
CA ARG A 406 -30.27 11.81 -34.01
C ARG A 406 -30.59 13.26 -33.71
N GLU A 407 -30.74 13.60 -32.45
CA GLU A 407 -31.15 14.94 -32.07
C GLU A 407 -30.00 15.95 -32.18
N LEU A 408 -28.77 15.51 -31.90
CA LEU A 408 -27.62 16.42 -31.76
C LEU A 408 -26.46 15.95 -32.63
N PRO A 409 -26.60 15.95 -33.95
CA PRO A 409 -25.46 15.62 -34.82
C PRO A 409 -24.36 16.67 -34.68
N LEU A 410 -23.12 16.21 -34.79
CA LEU A 410 -21.96 17.10 -34.74
C LEU A 410 -21.50 17.43 -36.16
N SER B 2 19.72 -2.56 -18.80
CA SER B 2 20.91 -3.25 -19.33
C SER B 2 21.15 -2.99 -20.81
N ASP B 3 20.11 -3.04 -21.64
CA ASP B 3 20.17 -2.16 -22.78
C ASP B 3 19.93 -0.71 -22.35
N TYR B 4 19.75 -0.47 -21.05
CA TYR B 4 19.40 0.84 -20.53
C TYR B 4 20.30 1.24 -19.36
N GLY B 5 21.47 0.63 -19.23
CA GLY B 5 22.41 0.98 -18.20
C GLY B 5 22.18 0.36 -16.83
N PHE B 6 21.18 -0.53 -16.68
CA PHE B 6 20.87 -1.04 -15.35
C PHE B 6 21.92 -2.00 -14.80
N ALA B 7 22.81 -2.53 -15.66
CA ALA B 7 23.89 -3.36 -15.15
C ALA B 7 24.92 -2.55 -14.38
N ASN B 8 24.95 -1.23 -14.56
CA ASN B 8 25.85 -0.35 -13.80
C ASN B 8 25.36 -0.05 -12.40
N ILE B 9 24.17 -0.50 -12.03
CA ILE B 9 23.68 -0.28 -10.67
C ILE B 9 24.44 -1.17 -9.70
N GLU B 10 24.78 -0.62 -8.53
CA GLU B 10 25.35 -1.42 -7.45
C GLU B 10 24.23 -2.03 -6.61
N GLU B 11 24.33 -3.32 -6.36
CA GLU B 11 23.34 -4.01 -5.55
C GLU B 11 23.37 -3.47 -4.14
N ALA B 12 22.20 -3.11 -3.61
CA ALA B 12 22.13 -2.63 -2.24
C ALA B 12 22.50 -3.74 -1.26
N LYS B 13 23.12 -3.36 -0.14
CA LYS B 13 23.49 -4.37 0.84
C LYS B 13 22.28 -4.72 1.70
N ALA B 14 22.31 -5.93 2.25
CA ALA B 14 21.16 -6.48 2.97
C ALA B 14 20.87 -5.67 4.23
N ASP B 15 19.58 -5.63 4.60
CA ASP B 15 19.19 -5.07 5.89
C ASP B 15 19.83 -5.89 7.00
N ALA B 16 20.21 -5.20 8.09
CA ALA B 16 20.89 -5.90 9.18
C ALA B 16 19.96 -6.92 9.85
N ILE B 17 18.68 -6.59 10.00
CA ILE B 17 17.75 -7.52 10.61
C ILE B 17 17.60 -8.79 9.77
N PHE B 18 17.44 -8.62 8.45
CA PHE B 18 17.32 -9.78 7.57
C PHE B 18 18.56 -10.68 7.67
N LYS B 19 19.76 -10.08 7.61
CA LYS B 19 20.98 -10.88 7.69
C LYS B 19 21.09 -11.60 9.05
N LEU B 20 20.63 -10.95 10.12
CA LEU B 20 20.64 -11.59 11.44
C LEU B 20 19.74 -12.82 11.47
N ASN B 21 18.51 -12.67 10.95
CA ASN B 21 17.58 -13.79 10.93
C ASN B 21 18.10 -14.94 10.08
N ALA B 22 18.75 -14.63 8.95
CA ALA B 22 19.34 -15.70 8.15
C ALA B 22 20.38 -16.46 8.95
N GLN B 23 21.18 -15.74 9.75
CA GLN B 23 22.15 -16.41 10.59
C GLN B 23 21.48 -17.26 11.66
N TYR B 24 20.41 -16.74 12.29
CA TYR B 24 19.69 -17.53 13.29
C TYR B 24 19.22 -18.86 12.71
N HIS B 25 18.60 -18.83 11.53
CA HIS B 25 18.01 -20.05 10.98
C HIS B 25 19.07 -21.04 10.51
N GLN B 26 20.28 -20.59 10.18
CA GLN B 26 21.36 -21.50 9.84
C GLN B 26 21.98 -22.15 11.06
N ASP B 27 21.86 -21.53 12.22
CA ASP B 27 22.45 -22.08 13.44
C ASP B 27 21.77 -23.40 13.81
N GLU B 28 22.58 -24.44 13.99
CA GLU B 28 22.07 -25.77 14.31
C GLU B 28 22.02 -26.05 15.82
N ASP B 29 22.49 -25.12 16.66
CA ASP B 29 22.51 -25.37 18.11
C ASP B 29 21.08 -25.44 18.66
N PRO B 30 20.75 -26.47 19.44
CA PRO B 30 19.36 -26.61 19.92
C PRO B 30 18.92 -25.56 20.94
N LYS B 31 19.85 -24.82 21.56
CA LYS B 31 19.48 -23.81 22.55
C LYS B 31 19.39 -22.40 21.95
N LYS B 32 19.42 -22.27 20.62
CA LYS B 32 19.44 -20.95 20.00
C LYS B 32 18.12 -20.21 20.25
N VAL B 33 18.21 -18.88 20.37
CA VAL B 33 17.06 -18.03 20.60
C VAL B 33 17.09 -16.88 19.62
N ASN B 34 15.98 -16.63 18.95
CA ASN B 34 15.84 -15.44 18.09
C ASN B 34 15.35 -14.31 18.98
N MET B 35 16.26 -13.40 19.33
CA MET B 35 15.91 -12.20 20.09
C MET B 35 15.64 -11.02 19.18
N SER B 36 15.31 -11.27 17.91
CA SER B 36 15.08 -10.20 16.95
C SER B 36 13.72 -10.32 16.28
N VAL B 37 12.82 -11.16 16.81
CA VAL B 37 11.51 -11.37 16.20
C VAL B 37 10.76 -10.04 16.22
N GLY B 38 10.32 -9.60 15.04
CA GLY B 38 9.66 -8.29 14.95
C GLY B 38 8.16 -8.30 15.16
N ALA B 39 7.64 -9.35 15.80
CA ALA B 39 6.22 -9.54 15.96
C ALA B 39 5.96 -10.37 17.21
N TYR B 40 4.76 -10.21 17.77
CA TYR B 40 4.38 -10.93 18.97
C TYR B 40 4.43 -12.44 18.76
N ARG B 41 4.87 -13.16 19.78
CA ARG B 41 4.83 -14.62 19.85
C ARG B 41 4.24 -15.02 21.20
N ASP B 42 3.54 -16.16 21.23
CA ASP B 42 2.88 -16.59 22.46
C ASP B 42 3.88 -17.30 23.37
N ASP B 43 3.37 -17.92 24.45
CA ASP B 43 4.22 -18.58 25.43
C ASP B 43 4.93 -19.82 24.88
N THR B 44 4.54 -20.33 23.72
CA THR B 44 5.23 -21.45 23.10
C THR B 44 6.10 -21.02 21.93
N GLY B 45 6.25 -19.71 21.70
CA GLY B 45 7.11 -19.22 20.65
C GLY B 45 6.47 -19.10 19.28
N LYS B 46 5.14 -19.21 19.19
CA LYS B 46 4.47 -19.28 17.89
C LYS B 46 3.70 -17.99 17.59
N PRO B 47 3.48 -17.68 16.30
CA PRO B 47 2.54 -16.62 15.95
C PRO B 47 1.19 -16.85 16.63
N TRP B 48 0.48 -15.76 16.88
CA TRP B 48 -0.70 -15.81 17.74
C TRP B 48 -1.79 -14.95 17.12
N ILE B 49 -2.82 -15.59 16.59
CA ILE B 49 -3.98 -14.84 16.11
C ILE B 49 -4.84 -14.50 17.32
N LEU B 50 -5.19 -13.22 17.47
CA LEU B 50 -5.98 -12.84 18.63
C LEU B 50 -7.36 -13.46 18.52
N PRO B 51 -7.89 -14.07 19.59
CA PRO B 51 -9.25 -14.61 19.52
C PRO B 51 -10.27 -13.62 18.99
N ALA B 52 -10.23 -12.37 19.43
CA ALA B 52 -11.16 -11.37 18.91
C ALA B 52 -10.99 -11.13 17.41
N VAL B 53 -9.76 -11.21 16.88
CA VAL B 53 -9.57 -11.01 15.45
C VAL B 53 -10.09 -12.20 14.66
N LYS B 54 -9.81 -13.41 15.15
CA LYS B 54 -10.37 -14.60 14.53
C LYS B 54 -11.89 -14.53 14.47
N LYS B 55 -12.52 -14.12 15.57
CA LYS B 55 -13.97 -13.96 15.58
C LYS B 55 -14.42 -12.86 14.62
N ALA B 56 -13.72 -11.71 14.63
CA ALA B 56 -14.11 -10.60 13.77
C ALA B 56 -14.01 -10.96 12.30
N SER B 57 -13.00 -11.74 11.91
CA SER B 57 -12.84 -12.04 10.49
C SER B 57 -13.92 -12.98 9.99
N LYS B 58 -14.34 -13.93 10.84
CA LYS B 58 -15.48 -14.79 10.48
C LYS B 58 -16.76 -13.96 10.32
N ILE B 59 -17.03 -13.07 11.28
CA ILE B 59 -18.20 -12.20 11.17
C ILE B 59 -18.14 -11.41 9.86
N VAL B 60 -16.97 -10.84 9.54
CA VAL B 60 -16.86 -10.00 8.35
C VAL B 60 -17.16 -10.81 7.10
N GLU B 61 -16.51 -11.98 6.97
CA GLU B 61 -16.61 -12.73 5.72
C GLU B 61 -17.95 -13.42 5.56
N GLU B 62 -18.65 -13.71 6.66
CA GLU B 62 -19.98 -14.31 6.58
C GLU B 62 -21.09 -13.26 6.42
N GLN B 63 -20.76 -11.97 6.52
CA GLN B 63 -21.77 -10.94 6.28
C GLN B 63 -22.30 -11.05 4.86
N ALA B 64 -23.61 -10.84 4.72
CA ALA B 64 -24.25 -11.00 3.40
C ALA B 64 -23.64 -10.05 2.38
N SER B 65 -23.38 -8.80 2.77
CA SER B 65 -22.87 -7.80 1.85
C SER B 65 -21.35 -7.83 1.69
N PHE B 66 -20.68 -8.86 2.19
CA PHE B 66 -19.23 -8.90 2.09
C PHE B 66 -18.79 -8.98 0.63
N ASN B 67 -17.77 -8.20 0.27
CA ASN B 67 -17.21 -8.27 -1.08
C ASN B 67 -15.79 -7.71 -1.05
N HIS B 68 -15.18 -7.64 -2.24
CA HIS B 68 -13.80 -7.18 -2.39
C HIS B 68 -13.72 -5.87 -3.17
N GLU B 69 -14.79 -5.08 -3.16
CA GLU B 69 -14.85 -3.87 -3.99
C GLU B 69 -13.88 -2.80 -3.46
N TYR B 70 -13.57 -1.83 -4.34
CA TYR B 70 -12.69 -0.73 -3.96
C TYR B 70 -13.25 0.04 -2.77
N LEU B 71 -12.39 0.40 -1.83
CA LEU B 71 -12.74 1.38 -0.83
C LEU B 71 -12.57 2.80 -1.38
N PRO B 72 -13.16 3.80 -0.72
CA PRO B 72 -12.81 5.19 -1.07
C PRO B 72 -11.31 5.43 -0.92
N ILE B 73 -10.82 6.50 -1.58
CA ILE B 73 -9.39 6.82 -1.53
C ILE B 73 -8.89 6.90 -0.10
N ALA B 74 -9.64 7.54 0.79
CA ALA B 74 -9.26 7.68 2.19
C ALA B 74 -9.57 6.44 3.04
N GLY B 75 -10.17 5.41 2.48
CA GLY B 75 -10.38 4.16 3.19
C GLY B 75 -11.81 3.97 3.65
N LEU B 76 -12.01 2.89 4.39
CA LEU B 76 -13.33 2.50 4.87
C LEU B 76 -13.81 3.46 5.96
N PRO B 77 -14.90 4.21 5.75
CA PRO B 77 -15.25 5.26 6.72
C PRO B 77 -15.50 4.75 8.12
N ARG B 78 -16.12 3.58 8.27
CA ARG B 78 -16.32 3.01 9.60
C ARG B 78 -14.99 2.66 10.28
N PHE B 79 -13.94 2.38 9.49
CA PHE B 79 -12.63 2.14 10.09
C PHE B 79 -11.95 3.44 10.49
N THR B 80 -11.88 4.42 9.59
CA THR B 80 -11.10 5.63 9.88
C THR B 80 -11.72 6.43 11.02
N LYS B 81 -13.05 6.48 11.07
CA LYS B 81 -13.74 7.11 12.19
C LYS B 81 -13.42 6.39 13.52
N ALA B 82 -13.58 5.06 13.55
CA ALA B 82 -13.30 4.33 14.79
C ALA B 82 -11.81 4.32 15.14
N ALA B 83 -10.92 4.37 14.14
CA ALA B 83 -9.49 4.46 14.45
C ALA B 83 -9.15 5.77 15.18
N ALA B 84 -9.77 6.89 14.73
CA ALA B 84 -9.61 8.14 15.47
C ALA B 84 -10.26 8.06 16.85
N GLU B 85 -11.48 7.49 16.92
CA GLU B 85 -12.19 7.42 18.20
C GLU B 85 -11.35 6.75 19.28
N VAL B 86 -10.69 5.64 18.94
CA VAL B 86 -9.95 4.88 19.95
C VAL B 86 -8.71 5.63 20.41
N LEU B 87 -8.17 6.52 19.58
CA LEU B 87 -7.05 7.38 19.99
C LEU B 87 -7.49 8.47 20.94
N PHE B 88 -8.69 9.00 20.78
CA PHE B 88 -9.11 10.25 21.40
C PHE B 88 -10.36 10.08 22.25
N ARG B 89 -10.49 8.91 22.90
CA ARG B 89 -11.65 8.69 23.75
C ARG B 89 -11.87 9.79 24.79
N PRO B 90 -10.84 10.35 25.44
CA PRO B 90 -11.09 11.50 26.33
C PRO B 90 -11.50 12.79 25.59
N ASN B 91 -11.40 12.86 24.28
CA ASN B 91 -11.63 14.13 23.56
C ASN B 91 -12.58 13.93 22.38
N PRO B 92 -13.83 13.53 22.63
CA PRO B 92 -14.76 13.27 21.52
C PRO B 92 -15.12 14.51 20.71
N HIS B 93 -14.88 15.72 21.23
CA HIS B 93 -15.18 16.94 20.46
C HIS B 93 -14.33 17.07 19.18
N LEU B 94 -13.16 16.42 19.11
CA LEU B 94 -12.35 16.51 17.90
C LEU B 94 -13.09 15.90 16.72
N LEU B 95 -13.71 14.74 16.92
CA LEU B 95 -14.50 14.11 15.87
C LEU B 95 -15.84 14.83 15.65
N SER B 96 -16.54 15.22 16.72
CA SER B 96 -17.85 15.82 16.51
C SER B 96 -17.73 17.19 15.82
N GLU B 97 -16.63 17.92 16.03
CA GLU B 97 -16.42 19.18 15.33
C GLU B 97 -15.80 19.00 13.95
N ASP B 98 -15.65 17.75 13.50
CA ASP B 98 -15.13 17.45 12.16
C ASP B 98 -13.72 17.99 11.98
N ARG B 99 -12.89 17.83 13.00
CA ARG B 99 -11.55 18.40 12.99
C ARG B 99 -10.46 17.42 12.60
N VAL B 100 -10.76 16.12 12.50
CA VAL B 100 -9.72 15.13 12.24
C VAL B 100 -9.82 14.67 10.79
N ALA B 101 -8.74 14.86 10.04
CA ALA B 101 -8.62 14.29 8.70
C ALA B 101 -7.90 12.95 8.82
N SER B 102 -8.60 11.87 8.44
CA SER B 102 -8.15 10.51 8.69
C SER B 102 -8.04 9.75 7.38
N MET B 103 -6.88 9.15 7.14
CA MET B 103 -6.62 8.42 5.89
C MET B 103 -6.15 7.03 6.25
N GLN B 104 -6.94 6.03 5.88
CA GLN B 104 -6.48 4.66 6.01
C GLN B 104 -5.21 4.49 5.18
N SER B 105 -4.22 3.84 5.77
CA SER B 105 -2.92 3.72 5.16
CA SER B 105 -2.90 3.72 5.19
C SER B 105 -2.46 2.27 5.19
N VAL B 106 -1.36 2.01 4.48
CA VAL B 106 -0.74 0.69 4.48
C VAL B 106 0.08 0.56 5.75
N SER B 107 -0.63 0.35 6.86
CA SER B 107 -0.11 0.20 8.21
C SER B 107 0.62 1.45 8.67
N GLY B 108 1.45 1.33 9.72
CA GLY B 108 2.13 2.49 10.26
C GLY B 108 3.19 3.07 9.33
N THR B 109 3.88 2.22 8.57
CA THR B 109 4.85 2.73 7.61
C THR B 109 4.17 3.62 6.57
N GLY B 110 3.07 3.13 5.98
CA GLY B 110 2.35 3.91 5.01
C GLY B 110 1.78 5.19 5.60
N ALA B 111 1.31 5.15 6.85
CA ALA B 111 0.84 6.37 7.51
C ALA B 111 1.96 7.39 7.63
N ASN B 112 3.15 6.93 8.03
CA ASN B 112 4.31 7.81 8.10
C ASN B 112 4.67 8.39 6.74
N PHE B 113 4.61 7.56 5.69
CA PHE B 113 4.91 8.06 4.34
C PHE B 113 3.95 9.17 3.94
N LEU B 114 2.66 8.95 4.17
CA LEU B 114 1.64 9.96 3.88
C LEU B 114 1.92 11.25 4.64
N ALA B 115 2.13 11.15 5.96
CA ALA B 115 2.38 12.34 6.76
C ALA B 115 3.63 13.07 6.28
N ALA B 116 4.71 12.32 6.02
CA ALA B 116 5.96 12.94 5.58
C ALA B 116 5.83 13.60 4.21
N SER B 117 5.16 12.93 3.26
CA SER B 117 4.94 13.53 1.94
C SER B 117 4.18 14.83 2.03
N PHE B 118 3.11 14.85 2.84
CA PHE B 118 2.32 16.06 2.98
C PHE B 118 3.13 17.17 3.64
N ILE B 119 3.83 16.85 4.73
CA ILE B 119 4.57 17.86 5.46
C ILE B 119 5.71 18.43 4.62
N GLU B 120 6.42 17.58 3.87
CA GLU B 120 7.46 18.09 2.96
C GLU B 120 6.87 19.08 1.97
N THR B 121 5.75 18.72 1.34
CA THR B 121 5.18 19.55 0.28
C THR B 121 4.60 20.85 0.83
N PHE B 122 3.86 20.77 1.93
CA PHE B 122 3.10 21.92 2.39
C PHE B 122 3.67 22.59 3.62
N TYR B 123 4.78 22.10 4.15
CA TYR B 123 5.41 22.76 5.27
C TYR B 123 6.91 22.96 5.02
N VAL B 124 7.62 21.90 4.66
CA VAL B 124 9.08 22.00 4.59
C VAL B 124 9.51 22.91 3.44
N LYS B 125 8.87 22.79 2.28
CA LYS B 125 9.36 23.61 1.18
C LYS B 125 9.12 25.10 1.40
N HIS B 126 8.17 25.47 2.27
CA HIS B 126 7.96 26.88 2.59
C HIS B 126 8.83 27.37 3.76
N THR B 127 9.15 26.51 4.73
CA THR B 127 9.86 26.95 5.92
C THR B 127 11.33 26.54 5.94
N GLY B 128 11.72 25.51 5.18
CA GLY B 128 13.05 24.94 5.34
C GLY B 128 13.25 24.09 6.58
N ALA B 129 12.18 23.70 7.28
CA ALA B 129 12.31 22.98 8.54
C ALA B 129 12.97 21.60 8.36
N HIS B 130 13.77 21.23 9.35
CA HIS B 130 14.27 19.88 9.43
C HIS B 130 13.36 19.07 10.36
N VAL B 131 13.42 17.74 10.24
CA VAL B 131 12.68 16.84 11.11
C VAL B 131 13.66 16.23 12.11
N TYR B 132 13.25 16.18 13.38
CA TYR B 132 14.07 15.67 14.47
C TYR B 132 13.49 14.34 14.97
N ILE B 133 14.32 13.29 14.95
CA ILE B 133 13.91 11.95 15.37
C ILE B 133 14.78 11.52 16.54
N SER B 134 14.26 10.60 17.34
CA SER B 134 14.99 10.21 18.54
C SER B 134 16.26 9.45 18.17
N ASN B 135 17.27 9.58 19.02
CA ASN B 135 18.51 8.81 18.85
C ASN B 135 18.63 7.84 20.02
N PRO B 136 18.30 6.55 19.82
CA PRO B 136 17.95 5.91 18.56
C PRO B 136 16.45 5.91 18.23
N THR B 137 16.10 5.45 17.03
CA THR B 137 14.69 5.27 16.65
C THR B 137 14.64 4.15 15.61
N TRP B 138 13.42 3.80 15.19
CA TRP B 138 13.25 2.86 14.10
C TRP B 138 13.97 3.39 12.85
N PRO B 139 14.90 2.62 12.25
CA PRO B 139 15.80 3.22 11.24
C PRO B 139 15.10 3.75 10.01
N VAL B 140 13.91 3.22 9.68
CA VAL B 140 13.14 3.70 8.53
C VAL B 140 12.69 5.16 8.73
N HIS B 141 12.59 5.64 9.97
CA HIS B 141 12.22 7.03 10.18
C HIS B 141 13.18 7.96 9.45
N ARG B 142 14.48 7.67 9.52
CA ARG B 142 15.45 8.55 8.87
C ARG B 142 15.38 8.43 7.35
N THR B 143 15.40 7.19 6.84
CA THR B 143 15.46 7.04 5.38
C THR B 143 14.16 7.46 4.72
N LEU B 144 13.01 7.12 5.32
CA LEU B 144 11.72 7.57 4.77
C LEU B 144 11.70 9.08 4.56
N TRP B 145 12.10 9.86 5.58
CA TRP B 145 12.07 11.31 5.47
C TRP B 145 13.14 11.84 4.54
N GLU B 146 14.34 11.25 4.57
CA GLU B 146 15.41 11.69 3.67
C GLU B 146 15.04 11.44 2.21
N LYS B 147 14.43 10.28 1.92
CA LYS B 147 14.04 9.99 0.54
C LYS B 147 13.07 11.03 0.01
N LEU B 148 12.23 11.61 0.88
CA LEU B 148 11.29 12.64 0.47
C LEU B 148 11.90 14.04 0.44
N GLY B 149 13.17 14.18 0.79
CA GLY B 149 13.86 15.46 0.64
C GLY B 149 13.95 16.31 1.89
N VAL B 150 13.62 15.78 3.06
CA VAL B 150 13.72 16.53 4.32
C VAL B 150 15.03 16.16 4.99
N THR B 151 15.73 17.17 5.52
CA THR B 151 16.94 16.93 6.29
C THR B 151 16.58 16.43 7.69
N VAL B 152 17.27 15.37 8.12
CA VAL B 152 16.95 14.65 9.35
C VAL B 152 17.98 14.97 10.42
N GLU B 153 17.51 15.44 11.57
CA GLU B 153 18.34 15.66 12.74
C GLU B 153 17.87 14.70 13.83
N THR B 154 18.64 14.61 14.91
CA THR B 154 18.26 13.76 16.03
C THR B 154 18.19 14.56 17.33
N TYR B 155 17.37 14.08 18.24
CA TYR B 155 17.45 14.52 19.61
C TYR B 155 17.88 13.34 20.49
N PRO B 156 18.66 13.60 21.55
CA PRO B 156 19.14 12.52 22.41
C PRO B 156 17.99 11.79 23.08
N TYR B 157 18.15 10.48 23.25
CA TYR B 157 17.07 9.73 23.87
C TYR B 157 17.59 8.66 24.83
N TRP B 158 18.54 7.85 24.41
CA TRP B 158 19.06 6.76 25.24
C TRP B 158 20.26 7.26 26.03
N ASP B 159 20.14 7.26 27.36
CA ASP B 159 21.26 7.57 28.24
C ASP B 159 21.95 6.26 28.57
N ALA B 160 23.07 5.99 27.90
CA ALA B 160 23.72 4.69 28.02
C ALA B 160 24.33 4.47 29.41
N LYS B 161 24.78 5.53 30.07
CA LYS B 161 25.42 5.36 31.37
C LYS B 161 24.41 5.13 32.48
N ASN B 162 23.26 5.81 32.42
CA ASN B 162 22.19 5.58 33.38
C ASN B 162 21.19 4.52 32.92
N ARG B 163 21.35 4.00 31.70
CA ARG B 163 20.40 3.04 31.09
C ARG B 163 18.96 3.55 31.21
N SER B 164 18.75 4.81 30.82
CA SER B 164 17.45 5.43 30.97
C SER B 164 17.23 6.46 29.87
N PHE B 165 16.09 7.12 29.94
CA PHE B 165 15.72 8.17 29.01
C PHE B 165 16.54 9.43 29.27
N ASP B 166 17.14 9.97 28.21
CA ASP B 166 17.99 11.17 28.30
C ASP B 166 17.10 12.40 28.19
N TYR B 167 16.39 12.67 29.29
CA TYR B 167 15.42 13.75 29.35
C TYR B 167 16.09 15.12 29.14
N GLU B 168 17.20 15.38 29.84
CA GLU B 168 17.85 16.68 29.73
C GLU B 168 18.42 16.89 28.33
N GLY B 169 18.95 15.84 27.72
CA GLY B 169 19.46 15.95 26.37
C GLY B 169 18.36 16.25 25.36
N MET B 170 17.25 15.51 25.44
CA MET B 170 16.13 15.78 24.54
C MET B 170 15.61 17.19 24.73
N LEU B 171 15.37 17.58 25.99
CA LEU B 171 14.85 18.91 26.28
C LEU B 171 15.78 19.99 25.75
N SER B 172 17.09 19.78 25.89
CA SER B 172 18.06 20.76 25.41
C SER B 172 17.98 20.90 23.89
N THR B 173 17.81 19.80 23.18
CA THR B 173 17.73 19.87 21.72
C THR B 173 16.41 20.52 21.28
N ILE B 174 15.31 20.25 21.97
CA ILE B 174 14.05 20.93 21.67
C ILE B 174 14.22 22.43 21.79
N LYS B 175 14.89 22.89 22.85
CA LYS B 175 15.03 24.32 23.08
C LYS B 175 15.96 24.98 22.08
N SER B 176 16.99 24.28 21.62
CA SER B 176 17.98 24.89 20.73
C SER B 176 17.69 24.68 19.26
N ALA B 177 16.72 23.82 18.91
CA ALA B 177 16.39 23.63 17.50
C ALA B 177 15.70 24.89 16.96
N PRO B 178 15.84 25.18 15.66
CA PRO B 178 15.20 26.37 15.10
C PRO B 178 13.69 26.32 15.28
N GLU B 179 13.10 27.49 15.54
CA GLU B 179 11.65 27.56 15.70
C GLU B 179 10.96 26.95 14.49
N GLY B 180 9.84 26.26 14.76
CA GLY B 180 9.13 25.62 13.68
C GLY B 180 9.76 24.36 13.15
N SER B 181 10.64 23.71 13.91
CA SER B 181 11.14 22.43 13.46
C SER B 181 10.08 21.35 13.64
N ILE B 182 10.29 20.21 12.99
CA ILE B 182 9.38 19.07 13.06
C ILE B 182 9.97 18.04 14.02
N PHE B 183 9.18 17.63 15.00
CA PHE B 183 9.63 16.64 15.98
C PHE B 183 8.75 15.39 15.86
N LEU B 184 9.39 14.25 15.65
CA LEU B 184 8.72 12.96 15.58
C LEU B 184 8.79 12.31 16.96
N LEU B 185 7.64 12.17 17.62
CA LEU B 185 7.56 11.65 18.97
C LEU B 185 6.92 10.27 18.97
N HIS B 186 7.34 9.42 19.91
CA HIS B 186 6.74 8.11 20.14
C HIS B 186 5.72 8.23 21.27
N ALA B 187 4.47 7.85 20.99
CA ALA B 187 3.40 8.02 21.99
C ALA B 187 3.65 7.16 23.23
N CYS B 188 4.01 5.90 23.04
CA CYS B 188 4.35 5.00 24.13
C CYS B 188 5.14 3.83 23.56
N ALA B 189 5.79 3.09 24.45
CA ALA B 189 6.63 1.96 24.05
C ALA B 189 7.62 2.38 22.94
N HIS B 190 8.54 3.24 23.35
CA HIS B 190 9.57 3.72 22.43
C HIS B 190 10.28 2.56 21.74
N ASN B 191 10.38 2.66 20.42
CA ASN B 191 11.11 1.69 19.61
C ASN B 191 12.42 2.35 19.18
N PRO B 192 13.60 1.81 19.52
CA PRO B 192 13.84 0.46 20.07
C PRO B 192 14.15 0.33 21.57
N THR B 193 14.20 1.42 22.34
CA THR B 193 14.71 1.32 23.71
C THR B 193 13.68 0.78 24.69
N GLY B 194 12.40 1.07 24.47
CA GLY B 194 11.37 0.68 25.42
C GLY B 194 11.18 1.63 26.58
N ILE B 195 12.02 2.64 26.73
CA ILE B 195 11.90 3.57 27.85
C ILE B 195 11.11 4.80 27.40
N ASP B 196 10.08 5.17 28.18
CA ASP B 196 9.21 6.28 27.85
C ASP B 196 9.42 7.44 28.82
N PRO B 197 9.15 8.68 28.40
CA PRO B 197 9.08 9.77 29.38
C PRO B 197 7.97 9.49 30.38
N THR B 198 8.21 9.91 31.61
CA THR B 198 7.13 9.92 32.58
C THR B 198 6.17 11.06 32.24
N ARG B 199 4.99 11.03 32.90
CA ARG B 199 4.00 12.08 32.64
C ARG B 199 4.54 13.47 32.95
N GLU B 200 5.30 13.62 34.04
CA GLU B 200 5.83 14.94 34.34
C GLU B 200 6.90 15.35 33.33
N GLN B 201 7.67 14.38 32.82
CA GLN B 201 8.63 14.72 31.77
C GLN B 201 7.92 15.11 30.49
N TRP B 202 6.84 14.41 30.15
CA TRP B 202 6.05 14.78 28.97
C TRP B 202 5.56 16.22 29.05
N LEU B 203 5.06 16.63 30.21
CA LEU B 203 4.52 17.99 30.34
C LEU B 203 5.59 19.02 30.01
N SER B 204 6.81 18.81 30.51
CA SER B 204 7.90 19.73 30.23
C SER B 204 8.33 19.65 28.77
N ILE B 205 8.37 18.45 28.21
CA ILE B 205 8.63 18.30 26.77
C ILE B 205 7.63 19.11 25.95
N PHE B 206 6.33 19.02 26.28
CA PHE B 206 5.32 19.74 25.51
C PHE B 206 5.48 21.25 25.63
N GLU B 207 5.80 21.74 26.84
CA GLU B 207 5.98 23.18 27.03
C GLU B 207 7.09 23.71 26.13
N SER B 208 8.23 23.02 26.08
CA SER B 208 9.34 23.51 25.26
C SER B 208 9.02 23.39 23.77
N LEU B 209 8.32 22.33 23.37
CA LEU B 209 7.87 22.23 21.99
C LEU B 209 6.97 23.40 21.63
N LEU B 210 6.04 23.74 22.53
CA LEU B 210 5.13 24.85 22.30
C LEU B 210 5.87 26.19 22.23
N SER B 211 6.88 26.40 23.09
CA SER B 211 7.52 27.71 23.14
C SER B 211 8.43 27.93 21.94
N ARG B 212 8.98 26.86 21.36
CA ARG B 212 9.69 26.96 20.10
C ARG B 212 8.80 26.78 18.87
N LYS B 213 7.49 26.63 19.07
CA LYS B 213 6.51 26.53 17.99
C LYS B 213 6.86 25.42 17.00
N HIS B 214 7.36 24.31 17.52
CA HIS B 214 7.66 23.15 16.67
C HIS B 214 6.38 22.49 16.20
N LEU B 215 6.46 21.83 15.05
CA LEU B 215 5.37 20.98 14.56
C LEU B 215 5.57 19.55 15.06
N VAL B 216 4.50 18.98 15.61
CA VAL B 216 4.58 17.68 16.29
C VAL B 216 3.93 16.60 15.43
N VAL B 217 4.64 15.49 15.27
CA VAL B 217 4.12 14.28 14.65
C VAL B 217 4.28 13.16 15.66
N PHE B 218 3.16 12.55 16.04
CA PHE B 218 3.18 11.40 16.94
C PHE B 218 3.13 10.12 16.12
N ASP B 219 3.91 9.14 16.55
CA ASP B 219 3.82 7.78 16.04
C ASP B 219 3.27 6.92 17.17
N ILE B 220 2.14 6.25 16.93
CA ILE B 220 1.51 5.40 17.94
C ILE B 220 1.30 4.02 17.31
N ALA B 221 2.29 3.15 17.51
CA ALA B 221 2.25 1.82 16.92
C ALA B 221 1.88 0.74 17.93
N TYR B 222 1.73 1.07 19.22
CA TYR B 222 1.59 0.03 20.23
C TYR B 222 0.46 0.32 21.21
N GLN B 223 -0.56 1.07 20.79
CA GLN B 223 -1.61 1.44 21.73
C GLN B 223 -2.34 0.20 22.23
N GLY B 224 -2.43 0.06 23.55
CA GLY B 224 -3.07 -1.09 24.18
C GLY B 224 -2.13 -2.29 24.29
N PHE B 225 -1.34 -2.51 23.22
CA PHE B 225 -0.36 -3.59 23.22
C PHE B 225 0.66 -3.39 24.32
N ALA B 226 1.01 -2.13 24.59
CA ALA B 226 2.10 -1.84 25.53
C ALA B 226 1.70 -2.16 26.97
N SER B 227 0.61 -1.56 27.46
CA SER B 227 0.22 -1.71 28.85
C SER B 227 -1.06 -2.52 29.05
N GLY B 228 -1.75 -2.90 27.99
CA GLY B 228 -3.07 -3.49 28.15
C GLY B 228 -4.18 -2.49 28.36
N ASP B 229 -3.87 -1.19 28.39
CA ASP B 229 -4.80 -0.13 28.75
C ASP B 229 -4.77 0.91 27.63
N LEU B 230 -5.82 0.94 26.80
CA LEU B 230 -5.83 1.78 25.61
C LEU B 230 -5.70 3.27 25.96
N ASN B 231 -6.42 3.73 26.99
CA ASN B 231 -6.35 5.15 27.34
C ASN B 231 -5.04 5.52 28.00
N ARG B 232 -4.42 4.61 28.76
CA ARG B 232 -3.11 4.93 29.32
C ARG B 232 -2.06 5.04 28.22
N ASP B 233 -2.15 4.19 27.20
CA ASP B 233 -1.16 4.20 26.13
C ASP B 233 -1.29 5.40 25.21
N SER B 234 -2.46 6.03 25.15
CA SER B 234 -2.63 7.24 24.35
C SER B 234 -2.65 8.50 25.21
N TRP B 235 -2.24 8.40 26.48
CA TRP B 235 -2.30 9.56 27.36
C TRP B 235 -1.52 10.76 26.80
N ALA B 236 -0.34 10.52 26.22
CA ALA B 236 0.48 11.63 25.74
C ALA B 236 -0.20 12.34 24.57
N LEU B 237 -0.80 11.59 23.65
CA LEU B 237 -1.61 12.16 22.58
C LEU B 237 -2.68 13.09 23.12
N ASN B 238 -3.44 12.59 24.09
CA ASN B 238 -4.59 13.34 24.58
C ASN B 238 -4.18 14.50 25.47
N GLU B 239 -3.05 14.38 26.16
CA GLU B 239 -2.54 15.52 26.90
C GLU B 239 -2.16 16.64 25.94
N PHE B 240 -1.58 16.30 24.79
CA PHE B 240 -1.17 17.34 23.84
C PHE B 240 -2.37 18.09 23.25
N VAL B 241 -3.53 17.43 23.17
CA VAL B 241 -4.75 18.07 22.68
C VAL B 241 -5.08 19.31 23.51
N LYS B 242 -4.73 19.31 24.80
CA LYS B 242 -5.01 20.48 25.64
C LYS B 242 -4.29 21.73 25.15
N TYR B 243 -3.17 21.59 24.46
CA TYR B 243 -2.36 22.73 24.07
C TYR B 243 -2.90 23.48 22.85
N ASN B 244 -3.89 22.93 22.16
CA ASN B 244 -4.59 23.61 21.06
C ASN B 244 -3.65 24.01 19.93
N LYS B 245 -2.84 23.05 19.49
CA LYS B 245 -2.04 23.17 18.27
C LYS B 245 -2.39 22.02 17.33
N ASP B 246 -2.55 22.31 16.05
CA ASP B 246 -2.80 21.21 15.12
C ASP B 246 -1.55 20.34 15.01
N PHE B 247 -1.75 19.06 14.74
CA PHE B 247 -0.64 18.11 14.77
C PHE B 247 -1.07 16.84 14.04
N PHE B 248 -0.11 15.93 13.88
CA PHE B 248 -0.29 14.70 13.12
C PHE B 248 -0.12 13.48 14.00
N VAL B 249 -0.80 12.39 13.62
CA VAL B 249 -0.70 11.10 14.29
C VAL B 249 -0.61 10.01 13.23
N CYS B 250 0.40 9.14 13.34
CA CYS B 250 0.53 7.94 12.51
C CYS B 250 0.24 6.71 13.38
N GLN B 251 -0.80 5.97 13.01
CA GLN B 251 -1.34 4.88 13.82
C GLN B 251 -1.18 3.54 13.10
N SER B 252 -0.80 2.51 13.84
CA SER B 252 -0.69 1.16 13.30
C SER B 252 -1.49 0.18 14.15
N PHE B 253 -2.19 -0.74 13.48
CA PHE B 253 -2.83 -1.88 14.14
C PHE B 253 -2.05 -3.18 13.93
N ALA B 254 -0.80 -3.10 13.46
CA ALA B 254 -0.01 -4.31 13.23
C ALA B 254 0.16 -5.12 14.50
N LYS B 255 0.59 -4.48 15.59
CA LYS B 255 0.83 -5.24 16.81
C LYS B 255 -0.43 -5.36 17.67
N ASN B 256 -1.21 -4.28 17.86
CA ASN B 256 -2.28 -4.40 18.85
C ASN B 256 -3.47 -5.24 18.37
N MET B 257 -3.57 -5.52 17.07
CA MET B 257 -4.54 -6.51 16.59
C MET B 257 -3.88 -7.70 15.94
N GLY B 258 -2.55 -7.79 15.98
CA GLY B 258 -1.82 -8.86 15.30
C GLY B 258 -2.06 -8.90 13.80
N LEU B 259 -2.40 -7.76 13.18
CA LEU B 259 -2.75 -7.75 11.78
C LEU B 259 -1.56 -7.57 10.85
N TYR B 260 -0.34 -7.53 11.39
CA TYR B 260 0.92 -7.35 10.67
C TYR B 260 0.84 -7.30 9.15
N GLY B 261 0.76 -8.47 8.51
CA GLY B 261 0.79 -8.57 7.07
C GLY B 261 -0.46 -8.12 6.32
N GLU B 262 -1.55 -7.83 7.02
CA GLU B 262 -2.72 -7.27 6.32
C GLU B 262 -2.60 -5.77 6.12
N ARG B 263 -1.65 -5.12 6.80
CA ARG B 263 -1.27 -3.73 6.55
C ARG B 263 -2.37 -2.75 6.92
N THR B 264 -2.73 -2.68 8.19
CA THR B 264 -3.84 -1.86 8.65
C THR B 264 -3.34 -0.75 9.54
N GLY B 265 -3.52 0.50 9.09
CA GLY B 265 -3.10 1.65 9.84
C GLY B 265 -3.87 2.87 9.36
N CYS B 266 -3.57 4.01 9.99
CA CYS B 266 -4.28 5.23 9.67
C CYS B 266 -3.40 6.42 10.01
N MET B 267 -3.42 7.42 9.14
CA MET B 267 -2.77 8.70 9.40
C MET B 267 -3.84 9.72 9.76
N HIS B 268 -3.58 10.51 10.80
CA HIS B 268 -4.55 11.53 11.19
C HIS B 268 -3.88 12.90 11.24
N TYR B 269 -4.58 13.91 10.75
CA TYR B 269 -4.22 15.30 10.98
C TYR B 269 -5.32 15.91 11.83
N VAL B 270 -4.94 16.40 13.02
CA VAL B 270 -5.89 16.94 13.99
C VAL B 270 -5.93 18.44 13.76
N ALA B 271 -6.89 18.89 12.95
CA ALA B 271 -7.00 20.30 12.58
C ALA B 271 -7.58 21.14 13.70
N LYS B 272 -7.39 22.46 13.58
CA LYS B 272 -8.06 23.43 14.43
C LYS B 272 -9.52 23.64 14.05
N ASP B 273 -9.89 23.37 12.80
CA ASP B 273 -11.26 23.57 12.36
C ASP B 273 -11.52 22.74 11.10
N ALA B 274 -12.81 22.56 10.81
CA ALA B 274 -13.23 21.69 9.72
C ALA B 274 -12.76 22.19 8.37
N SER B 275 -12.62 23.51 8.19
CA SER B 275 -12.17 24.06 6.92
C SER B 275 -10.77 23.56 6.56
N THR B 276 -9.81 23.72 7.48
CA THR B 276 -8.46 23.27 7.20
C THR B 276 -8.39 21.75 7.15
N LYS B 277 -9.17 21.08 8.00
CA LYS B 277 -9.28 19.64 7.92
C LYS B 277 -9.63 19.19 6.51
N ASN B 278 -10.60 19.85 5.89
CA ASN B 278 -11.00 19.46 4.53
C ASN B 278 -9.96 19.85 3.50
N LYS B 279 -9.24 20.95 3.71
CA LYS B 279 -8.16 21.30 2.78
C LYS B 279 -7.06 20.26 2.82
N VAL B 280 -6.64 19.88 4.03
CA VAL B 280 -5.55 18.93 4.18
C VAL B 280 -5.97 17.58 3.61
N LEU B 281 -7.18 17.14 3.96
CA LEU B 281 -7.69 15.85 3.50
C LEU B 281 -7.68 15.75 1.98
N SER B 282 -8.09 16.82 1.28
CA SER B 282 -8.12 16.79 -0.17
C SER B 282 -6.72 16.65 -0.75
N GLN B 283 -5.72 17.23 -0.08
CA GLN B 283 -4.35 17.07 -0.56
C GLN B 283 -3.79 15.70 -0.20
N LEU B 284 -4.18 15.14 0.95
CA LEU B 284 -3.78 13.78 1.29
C LEU B 284 -4.32 12.77 0.28
N CYS B 285 -5.54 13.00 -0.22
CA CYS B 285 -6.11 12.08 -1.20
C CYS B 285 -5.32 12.10 -2.51
N ILE B 286 -4.77 13.25 -2.89
CA ILE B 286 -3.96 13.32 -4.10
C ILE B 286 -2.70 12.48 -3.96
N VAL B 287 -2.03 12.58 -2.81
CA VAL B 287 -0.86 11.75 -2.56
C VAL B 287 -1.25 10.28 -2.63
N GLN B 288 -2.34 9.92 -1.94
CA GLN B 288 -2.77 8.52 -1.90
C GLN B 288 -3.15 8.02 -3.28
N ARG B 289 -3.86 8.85 -4.05
CA ARG B 289 -4.26 8.44 -5.39
C ARG B 289 -3.06 8.11 -6.26
N ASN B 290 -1.95 8.84 -6.07
CA ASN B 290 -0.78 8.69 -6.93
C ASN B 290 0.29 7.76 -6.36
N THR B 291 -0.05 6.96 -5.35
CA THR B 291 0.89 5.98 -4.82
C THR B 291 0.27 4.60 -4.77
N ILE B 292 -0.89 4.47 -4.11
CA ILE B 292 -1.56 3.18 -3.97
C ILE B 292 -2.97 3.16 -4.53
N SER B 293 -3.54 4.31 -4.88
CA SER B 293 -4.91 4.47 -5.37
C SER B 293 -5.95 4.36 -4.24
N ASN B 294 -5.94 3.26 -3.51
CA ASN B 294 -6.83 3.08 -2.37
C ASN B 294 -6.27 1.96 -1.49
N PRO B 295 -6.63 1.92 -0.20
CA PRO B 295 -5.92 1.05 0.75
C PRO B 295 -6.58 -0.32 0.87
N PRO B 296 -5.88 -1.31 1.45
CA PRO B 296 -6.42 -2.69 1.47
C PRO B 296 -7.51 -2.90 2.51
N ALA B 297 -8.58 -3.58 2.08
CA ALA B 297 -9.82 -3.60 2.83
C ALA B 297 -9.86 -4.64 3.95
N TYR B 298 -9.27 -5.82 3.75
CA TYR B 298 -9.50 -6.95 4.67
C TYR B 298 -9.20 -6.59 6.11
N GLY B 299 -7.99 -6.08 6.39
CA GLY B 299 -7.65 -5.75 7.76
C GLY B 299 -8.47 -4.61 8.32
N ALA B 300 -8.81 -3.63 7.48
CA ALA B 300 -9.61 -2.51 7.96
C ALA B 300 -11.00 -2.96 8.35
N ARG B 301 -11.58 -3.91 7.59
CA ARG B 301 -12.90 -4.44 7.93
C ARG B 301 -12.85 -5.17 9.27
N ILE B 302 -11.79 -5.94 9.51
CA ILE B 302 -11.64 -6.62 10.79
C ILE B 302 -11.56 -5.60 11.93
N ALA B 303 -10.68 -4.59 11.78
CA ALA B 303 -10.51 -3.58 12.81
C ALA B 303 -11.80 -2.83 13.07
N ALA B 304 -12.51 -2.44 12.01
CA ALA B 304 -13.77 -1.71 12.19
C ALA B 304 -14.81 -2.56 12.89
N GLU B 305 -14.80 -3.88 12.65
CA GLU B 305 -15.75 -4.76 13.32
C GLU B 305 -15.48 -4.79 14.82
N ILE B 306 -14.22 -4.89 15.22
CA ILE B 306 -13.88 -4.89 16.64
C ILE B 306 -14.23 -3.53 17.27
N LEU B 307 -13.80 -2.45 16.63
CA LEU B 307 -13.83 -1.14 17.28
C LEU B 307 -15.24 -0.58 17.43
N ASN B 308 -16.16 -1.00 16.57
CA ASN B 308 -17.53 -0.50 16.59
C ASN B 308 -18.51 -1.42 17.32
N SER B 309 -18.05 -2.53 17.88
CA SER B 309 -18.90 -3.43 18.65
C SER B 309 -18.48 -3.43 20.11
N PRO B 310 -19.31 -2.96 21.04
CA PRO B 310 -18.91 -3.01 22.46
C PRO B 310 -18.49 -4.38 22.93
N GLN B 311 -19.16 -5.46 22.48
CA GLN B 311 -18.83 -6.79 23.00
C GLN B 311 -17.51 -7.31 22.40
N LEU B 312 -17.31 -7.13 21.09
CA LEU B 312 -16.05 -7.54 20.49
C LEU B 312 -14.89 -6.70 21.03
N PHE B 313 -15.12 -5.40 21.21
CA PHE B 313 -14.11 -4.52 21.79
C PHE B 313 -13.66 -5.03 23.17
N ALA B 314 -14.61 -5.48 24.00
CA ALA B 314 -14.26 -6.03 25.30
C ALA B 314 -13.45 -7.31 25.17
N GLU B 315 -13.78 -8.14 24.18
CA GLU B 315 -12.97 -9.33 23.93
C GLU B 315 -11.56 -8.94 23.51
N TRP B 316 -11.43 -7.96 22.62
CA TRP B 316 -10.12 -7.50 22.17
C TRP B 316 -9.29 -6.96 23.32
N GLU B 317 -9.93 -6.23 24.25
CA GLU B 317 -9.23 -5.73 25.42
C GLU B 317 -8.68 -6.86 26.27
N GLN B 318 -9.36 -8.01 26.30
CA GLN B 318 -8.79 -9.16 27.00
C GLN B 318 -7.55 -9.69 26.28
N ASP B 319 -7.57 -9.70 24.94
CA ASP B 319 -6.39 -10.13 24.19
C ASP B 319 -5.23 -9.16 24.40
N LEU B 320 -5.52 -7.87 24.51
CA LEU B 320 -4.48 -6.88 24.81
C LEU B 320 -3.86 -7.14 26.18
N LYS B 321 -4.69 -7.49 27.17
CA LYS B 321 -4.16 -7.87 28.48
C LYS B 321 -3.31 -9.13 28.39
N THR B 322 -3.75 -10.13 27.62
CA THR B 322 -2.96 -11.34 27.44
C THR B 322 -1.56 -11.02 26.90
N MET B 323 -1.48 -10.24 25.82
CA MET B 323 -0.18 -9.97 25.21
C MET B 323 0.69 -9.11 26.12
N SER B 324 0.15 -8.00 26.62
CA SER B 324 0.96 -7.11 27.43
C SER B 324 1.42 -7.79 28.70
N SER B 325 0.54 -8.61 29.32
CA SER B 325 0.93 -9.34 30.51
C SER B 325 2.06 -10.31 30.24
N ARG B 326 2.05 -11.00 29.10
CA ARG B 326 3.11 -11.96 28.84
C ARG B 326 4.46 -11.28 28.69
N ILE B 327 4.48 -10.13 28.01
CA ILE B 327 5.73 -9.38 27.83
C ILE B 327 6.23 -8.84 29.16
N ILE B 328 5.32 -8.30 29.98
CA ILE B 328 5.70 -7.84 31.31
C ILE B 328 6.31 -8.99 32.13
N GLU B 329 5.69 -10.17 32.06
CA GLU B 329 6.21 -11.31 32.85
C GLU B 329 7.59 -11.73 32.38
N MET B 330 7.81 -11.75 31.06
CA MET B 330 9.15 -12.09 30.57
C MET B 330 10.19 -11.06 31.04
N ARG B 331 9.84 -9.77 31.00
CA ARG B 331 10.75 -8.76 31.54
C ARG B 331 11.05 -9.01 33.01
N LYS B 332 10.02 -9.38 33.79
CA LYS B 332 10.22 -9.65 35.20
C LYS B 332 11.09 -10.88 35.42
N ARG B 333 10.85 -11.95 34.67
CA ARG B 333 11.69 -13.14 34.76
C ARG B 333 13.15 -12.82 34.44
N LEU B 334 13.38 -12.11 33.33
CA LEU B 334 14.76 -11.78 32.96
C LEU B 334 15.41 -10.92 34.03
N ARG B 335 14.73 -9.86 34.45
CA ARG B 335 15.29 -8.96 35.46
C ARG B 335 15.59 -9.71 36.75
N ASP B 336 14.64 -10.53 37.21
CA ASP B 336 14.82 -11.20 38.49
C ASP B 336 15.99 -12.19 38.45
N SER B 337 16.23 -12.82 37.30
CA SER B 337 17.35 -13.76 37.21
C SER B 337 18.68 -13.04 37.22
N LEU B 338 18.78 -11.93 36.46
CA LEU B 338 20.00 -11.12 36.48
C LEU B 338 20.30 -10.59 37.88
N VAL B 339 19.26 -10.19 38.63
CA VAL B 339 19.46 -9.76 40.00
C VAL B 339 19.95 -10.94 40.86
N ALA B 340 19.34 -12.11 40.69
CA ALA B 340 19.74 -13.27 41.48
C ALA B 340 21.12 -13.78 41.09
N LEU B 341 21.49 -13.67 39.81
CA LEU B 341 22.83 -14.04 39.38
C LEU B 341 23.87 -13.00 39.76
N LYS B 342 23.45 -11.87 40.34
CA LYS B 342 24.36 -10.79 40.74
C LYS B 342 25.18 -10.29 39.56
N THR B 343 24.60 -10.34 38.36
CA THR B 343 25.25 -9.78 37.18
C THR B 343 25.64 -8.33 37.45
N PRO B 344 26.90 -7.96 37.26
CA PRO B 344 27.31 -6.55 37.48
C PRO B 344 26.43 -5.59 36.70
N GLY B 345 26.28 -4.38 37.24
CA GLY B 345 25.40 -3.37 36.67
C GLY B 345 24.01 -3.42 37.27
N SER B 346 23.19 -2.43 36.88
CA SER B 346 21.81 -2.38 37.33
C SER B 346 20.89 -2.84 36.20
N TRP B 347 19.84 -3.57 36.56
CA TRP B 347 18.96 -4.19 35.56
C TRP B 347 17.50 -3.79 35.71
N ASP B 348 17.20 -2.77 36.52
CA ASP B 348 15.82 -2.31 36.65
C ASP B 348 15.26 -1.75 35.35
N HIS B 349 16.12 -1.28 34.44
CA HIS B 349 15.62 -0.76 33.19
C HIS B 349 14.83 -1.82 32.42
N ILE B 350 15.17 -3.09 32.62
CA ILE B 350 14.43 -4.16 31.94
C ILE B 350 12.95 -4.11 32.31
N THR B 351 12.63 -3.81 33.57
CA THR B 351 11.22 -3.74 33.97
C THR B 351 10.64 -2.33 33.93
N GLN B 352 11.46 -1.28 33.87
CA GLN B 352 10.95 0.08 33.67
C GLN B 352 10.61 0.36 32.21
N GLN B 353 11.23 -0.35 31.27
CA GLN B 353 10.84 -0.28 29.87
C GLN B 353 9.48 -0.95 29.66
N ILE B 354 8.85 -0.64 28.54
CA ILE B 354 7.55 -1.20 28.22
C ILE B 354 7.49 -1.49 26.73
N GLY B 355 6.70 -2.49 26.37
CA GLY B 355 6.54 -2.90 24.98
C GLY B 355 7.43 -4.08 24.63
N MET B 356 7.50 -4.35 23.34
CA MET B 356 8.16 -5.55 22.86
C MET B 356 9.67 -5.42 22.73
N PHE B 357 10.19 -4.20 22.67
CA PHE B 357 11.60 -3.97 22.41
C PHE B 357 12.29 -3.36 23.61
N SER B 358 13.53 -3.78 23.85
CA SER B 358 14.31 -3.38 25.01
C SER B 358 15.75 -3.11 24.60
N PHE B 359 16.28 -1.95 24.99
CA PHE B 359 17.73 -1.73 25.00
C PHE B 359 18.27 -2.39 26.27
N THR B 360 19.07 -3.44 26.09
CA THR B 360 19.60 -4.16 27.24
C THR B 360 20.74 -3.43 27.93
N GLY B 361 21.44 -2.55 27.22
CA GLY B 361 22.67 -1.97 27.72
C GLY B 361 23.92 -2.79 27.45
N LEU B 362 23.81 -3.93 26.76
CA LEU B 362 24.97 -4.75 26.47
C LEU B 362 25.82 -4.09 25.39
N THR B 363 27.14 -4.26 25.51
CA THR B 363 28.07 -3.73 24.52
C THR B 363 28.13 -4.61 23.27
N PRO B 364 28.67 -4.10 22.17
CA PRO B 364 28.82 -4.96 20.97
C PRO B 364 29.63 -6.22 21.22
N ALA B 365 30.69 -6.14 22.02
CA ALA B 365 31.48 -7.33 22.32
C ALA B 365 30.67 -8.33 23.16
N GLN B 366 29.86 -7.82 24.10
CA GLN B 366 29.01 -8.71 24.90
C GLN B 366 27.92 -9.34 24.05
N VAL B 367 27.30 -8.58 23.14
CA VAL B 367 26.32 -9.14 22.22
C VAL B 367 26.95 -10.24 21.37
N GLN B 368 28.12 -9.95 20.78
CA GLN B 368 28.81 -10.95 19.98
C GLN B 368 29.15 -12.19 20.81
N PHE B 369 29.56 -12.00 22.05
CA PHE B 369 29.80 -13.13 22.94
C PHE B 369 28.53 -13.98 23.10
N CYS B 370 27.39 -13.32 23.34
CA CYS B 370 26.12 -14.03 23.47
C CYS B 370 25.78 -14.82 22.20
N GLN B 371 26.16 -14.30 21.03
CA GLN B 371 25.83 -15.00 19.80
C GLN B 371 26.68 -16.26 19.61
N GLU B 372 27.99 -16.16 19.87
CA GLU B 372 28.90 -17.28 19.59
C GLU B 372 28.85 -18.35 20.68
N ARG B 373 28.71 -17.96 21.94
CA ARG B 373 28.74 -18.94 23.02
C ARG B 373 27.35 -19.43 23.41
N TYR B 374 26.32 -18.60 23.26
CA TYR B 374 24.99 -18.98 23.71
C TYR B 374 23.96 -18.98 22.59
N HIS B 375 24.36 -18.61 21.38
CA HIS B 375 23.50 -18.73 20.19
C HIS B 375 22.25 -17.88 20.33
N LEU B 376 22.44 -16.68 20.87
CA LEU B 376 21.41 -15.65 20.95
C LEU B 376 21.65 -14.63 19.85
N TYR B 377 20.61 -14.40 19.05
CA TYR B 377 20.72 -13.53 17.88
C TYR B 377 19.91 -12.26 18.14
N PHE B 378 20.63 -11.14 18.31
CA PHE B 378 20.00 -9.82 18.44
C PHE B 378 21.00 -8.76 17.99
N SER B 379 20.53 -7.52 17.93
CA SER B 379 21.28 -6.44 17.30
C SER B 379 22.49 -6.04 18.12
N ALA B 380 23.52 -5.56 17.41
CA ALA B 380 24.78 -5.19 18.05
C ALA B 380 24.64 -3.98 18.97
N ASN B 381 23.60 -3.16 18.81
CA ASN B 381 23.37 -2.06 19.74
C ASN B 381 22.73 -2.53 21.05
N GLY B 382 22.56 -3.84 21.24
CA GLY B 382 21.96 -4.37 22.43
C GLY B 382 20.45 -4.46 22.42
N ARG B 383 19.79 -4.11 21.32
CA ARG B 383 18.33 -4.18 21.27
C ARG B 383 17.86 -5.63 21.21
N ILE B 384 16.91 -5.99 22.05
CA ILE B 384 16.28 -7.29 21.96
C ILE B 384 14.78 -7.10 21.75
N SER B 385 14.16 -8.15 21.23
CA SER B 385 12.72 -8.29 21.19
C SER B 385 12.31 -9.31 22.23
N MET B 386 11.38 -8.92 23.12
CA MET B 386 10.91 -9.82 24.16
C MET B 386 10.03 -10.93 23.60
N ALA B 387 9.54 -10.79 22.36
CA ALA B 387 8.57 -11.73 21.83
C ALA B 387 9.13 -13.15 21.78
N GLY B 388 10.42 -13.29 21.46
CA GLY B 388 11.06 -14.59 21.40
C GLY B 388 11.37 -15.22 22.76
N LEU B 389 11.25 -14.46 23.85
CA LEU B 389 11.45 -14.99 25.19
C LEU B 389 10.19 -15.70 25.66
N ASN B 390 10.37 -16.84 26.33
CA ASN B 390 9.27 -17.55 26.98
C ASN B 390 9.86 -18.46 28.04
N ASN B 391 9.00 -19.27 28.67
CA ASN B 391 9.44 -20.08 29.80
C ASN B 391 10.53 -21.07 29.43
N SER B 392 10.59 -21.51 28.17
CA SER B 392 11.57 -22.52 27.78
C SER B 392 12.98 -21.95 27.59
N ASN B 393 13.14 -20.64 27.50
CA ASN B 393 14.46 -20.11 27.19
C ASN B 393 14.88 -18.91 28.03
N VAL B 394 14.01 -18.32 28.86
CA VAL B 394 14.37 -17.06 29.51
C VAL B 394 15.55 -17.26 30.46
N GLU B 395 15.65 -18.41 31.12
CA GLU B 395 16.78 -18.63 32.02
C GLU B 395 18.09 -18.80 31.24
N HIS B 396 18.04 -19.50 30.10
CA HIS B 396 19.20 -19.56 29.20
C HIS B 396 19.67 -18.15 28.81
N VAL B 397 18.73 -17.25 28.53
CA VAL B 397 19.09 -15.89 28.13
C VAL B 397 19.74 -15.14 29.29
N ALA B 398 19.17 -15.25 30.49
CA ALA B 398 19.76 -14.60 31.65
C ALA B 398 21.16 -15.10 31.92
N GLN B 399 21.38 -16.41 31.81
CA GLN B 399 22.73 -16.93 32.07
C GLN B 399 23.72 -16.46 31.02
N ALA B 400 23.27 -16.31 29.77
CA ALA B 400 24.14 -15.77 28.72
C ALA B 400 24.57 -14.34 29.03
N PHE B 401 23.60 -13.46 29.34
CA PHE B 401 23.92 -12.08 29.68
C PHE B 401 24.86 -12.02 30.87
N ASN B 402 24.57 -12.80 31.91
CA ASN B 402 25.42 -12.84 33.09
C ASN B 402 26.86 -13.20 32.71
N HIS B 403 27.02 -14.24 31.89
CA HIS B 403 28.37 -14.66 31.50
C HIS B 403 29.03 -13.59 30.64
N ALA B 404 28.29 -13.02 29.70
CA ALA B 404 28.85 -12.01 28.80
C ALA B 404 29.34 -10.79 29.58
N VAL B 405 28.53 -10.31 30.53
CA VAL B 405 28.92 -9.11 31.27
C VAL B 405 30.11 -9.41 32.17
N ARG B 406 30.11 -10.56 32.85
CA ARG B 406 31.22 -10.90 33.72
C ARG B 406 32.52 -11.09 32.95
N GLU B 407 32.47 -11.62 31.72
CA GLU B 407 33.70 -11.89 30.98
C GLU B 407 34.22 -10.68 30.21
N LEU B 408 33.36 -9.73 29.83
CA LEU B 408 33.77 -8.57 29.05
C LEU B 408 33.33 -7.27 29.73
N PRO B 409 33.90 -6.94 30.91
CA PRO B 409 33.51 -5.73 31.62
C PRO B 409 33.76 -4.46 30.81
#